data_8U5C
#
_entry.id   8U5C
#
_cell.length_a   1.00
_cell.length_b   1.00
_cell.length_c   1.00
_cell.angle_alpha   90.00
_cell.angle_beta   90.00
_cell.angle_gamma   90.00
#
_symmetry.space_group_name_H-M   'P 1'
#
loop_
_entity.id
_entity.type
_entity.pdbx_description
1 polymer 'Integral membrane protein GPR155'
2 non-polymer 'CHOLESTEROL HEMISUCCINATE'
#
_entity_poly.entity_id   1
_entity_poly.type   'polypeptide(L)'
_entity_poly.pdbx_seq_one_letter_code
;MNSNLPAENLTIAVNMTKTLPTAVTHGFNSTNDPPSMSITRLFPALLECFGIVLCGYIAGRANVITSTQAKGLGNFVSRF
ALPALLFKNMVVLNFSNVDWSFLYSILIAKASVFFIVCVLTLLVASPDSRFSKAGLFPIFATQSNDFALGYPIVEALYQT
TYPEYLQYIYLVAPISLMMLNPIGFIFCEIQKWKDTQNASQNKIKIVGLGLLRVLQNPIVFMVFIGIAFNFILDRKVPVY
VENFLDGLGNSFSGSALFYLGLTMVGKIKRLKKSAFVVLILLITAKLLVLPLLCREMVELLDKGDSVVNHTSLSNYAFLY
GVFPVAPGVAIFATQFNMEVEIITSGMVISTAVSAPIMYVSAWLLTFPTMDPKPLAYAIQNVSFDISIVSLISLIWSLAI
LLLSKKYKQLPHMLTTNLLIAQSIVCAGMMIWNFVKEKNFVGQILVFVLLYSSLYSTYLWTGLLAISLFLLKKRERVQIP
VGIIIISGWGIPALLVGVLLITGKHNGDSIDSAFFYGKEQMITTAVTLFCSILIAGISLMCMNQTAQAGSYEGFDQSQSH
KVVEPGNTAFEESPAPVNEPELFTSSIPETSCCSCSMGNGELHCPSIEPIANTSTSEPVIPSFEKNNHCVSRCNSQSCIL
AQEEEQYLQSGDQQLTRHVLLCLLLIIGLFANLSSCLRWLFNQEPGRLYVELQFFCAVFNFGQGFISFGIFGLDKHLIIL
PFKRRLEFLWNNKDTAENRDSPVSEEIKMTCQQFIHYHRDLCIRNIVKERRCGAKTSAGTFCGCDLVSWLIEVGLASDRG
EAVIYGDRLVQGGVIQHITNEYEFRDEYLFYRFLQKSPEQSPPAINANTLQQERYKEIEHSSPPSHSPKTGSGSDYKDDD
DKDYKDDDDK
;
_entity_poly.pdbx_strand_id   E,F
#
loop_
_chem_comp.id
_chem_comp.type
_chem_comp.name
_chem_comp.formula
Y01 non-polymer 'CHOLESTEROL HEMISUCCINATE' 'C31 H50 O4'
#
# COMPACT_ATOMS: atom_id res chain seq x y z
N PRO A 34 -5.94 -34.77 6.54
CA PRO A 34 -6.27 -33.34 6.72
C PRO A 34 -6.16 -32.55 5.40
N PRO A 35 -6.85 -31.40 5.25
CA PRO A 35 -6.86 -30.63 4.01
C PRO A 35 -5.48 -30.18 3.53
N SER A 36 -4.57 -29.92 4.47
CA SER A 36 -3.18 -29.47 4.29
C SER A 36 -3.02 -28.09 3.65
N MET A 37 -3.68 -27.79 2.54
CA MET A 37 -3.72 -26.47 1.91
C MET A 37 -5.16 -26.10 1.62
N SER A 38 -5.58 -24.88 1.93
CA SER A 38 -6.84 -24.36 1.43
C SER A 38 -6.66 -23.99 -0.04
N ILE A 39 -6.65 -25.00 -0.89
CA ILE A 39 -6.24 -24.89 -2.29
C ILE A 39 -7.23 -24.09 -3.14
N THR A 40 -8.51 -24.07 -2.75
CA THR A 40 -9.53 -23.23 -3.38
C THR A 40 -9.28 -21.73 -3.16
N ARG A 41 -8.43 -21.38 -2.19
CA ARG A 41 -8.08 -19.94 -1.98
C ARG A 41 -6.91 -19.53 -2.89
N LEU A 42 -6.23 -20.48 -3.54
CA LEU A 42 -5.06 -20.20 -4.36
C LEU A 42 -5.40 -19.42 -5.62
N PHE A 43 -6.45 -19.77 -6.35
CA PHE A 43 -6.76 -19.06 -7.59
C PHE A 43 -7.11 -17.60 -7.31
N PRO A 44 -7.99 -17.26 -6.35
CA PRO A 44 -8.19 -15.85 -5.99
C PRO A 44 -6.91 -15.15 -5.58
N ALA A 45 -5.99 -15.83 -4.91
CA ALA A 45 -4.72 -15.25 -4.48
C ALA A 45 -3.74 -15.03 -5.62
N LEU A 46 -3.69 -15.93 -6.61
CA LEU A 46 -2.97 -15.68 -7.85
C LEU A 46 -3.60 -14.53 -8.62
N LEU A 47 -4.93 -14.45 -8.72
CA LEU A 47 -5.57 -13.34 -9.39
C LEU A 47 -5.34 -12.02 -8.66
N GLU A 48 -5.31 -11.99 -7.34
CA GLU A 48 -4.89 -10.80 -6.61
C GLU A 48 -3.48 -10.41 -7.03
N CYS A 49 -2.54 -11.32 -6.83
CA CYS A 49 -1.15 -10.95 -6.96
C CYS A 49 -0.77 -10.63 -8.41
N PHE A 50 -1.11 -11.51 -9.33
CA PHE A 50 -0.84 -11.28 -10.74
C PHE A 50 -1.78 -10.28 -11.38
N GLY A 51 -2.96 -10.02 -10.83
CA GLY A 51 -3.81 -8.96 -11.36
C GLY A 51 -3.29 -7.59 -11.00
N ILE A 52 -2.69 -7.44 -9.81
CA ILE A 52 -2.03 -6.20 -9.44
C ILE A 52 -0.73 -6.02 -10.26
N VAL A 53 0.03 -7.08 -10.51
CA VAL A 53 1.16 -7.05 -11.46
C VAL A 53 0.69 -6.67 -12.87
N LEU A 54 -0.44 -7.19 -13.33
CA LEU A 54 -1.03 -6.84 -14.60
C LEU A 54 -1.53 -5.38 -14.61
N CYS A 55 -2.07 -4.85 -13.52
CA CYS A 55 -2.40 -3.43 -13.39
C CYS A 55 -1.17 -2.56 -13.49
N GLY A 56 -0.10 -2.88 -12.78
CA GLY A 56 1.13 -2.11 -12.89
C GLY A 56 1.67 -2.12 -14.30
N TYR A 57 1.58 -3.27 -14.96
CA TYR A 57 2.06 -3.37 -16.34
C TYR A 57 1.22 -2.52 -17.28
N ILE A 58 -0.11 -2.65 -17.22
CA ILE A 58 -1.02 -1.87 -18.04
C ILE A 58 -0.83 -0.38 -17.78
N ALA A 59 -0.57 0.02 -16.54
CA ALA A 59 -0.34 1.42 -16.21
C ALA A 59 0.96 1.93 -16.80
N GLY A 60 2.04 1.16 -16.68
CA GLY A 60 3.31 1.60 -17.24
C GLY A 60 3.32 1.59 -18.76
N ARG A 61 2.67 0.59 -19.35
CA ARG A 61 2.58 0.52 -20.84
C ARG A 61 1.82 1.76 -21.32
N ALA A 62 0.70 2.07 -20.66
CA ALA A 62 -0.11 3.23 -21.03
C ALA A 62 0.57 4.56 -20.70
N ASN A 63 1.72 4.52 -20.03
CA ASN A 63 2.39 5.71 -19.50
C ASN A 63 1.45 6.54 -18.63
N VAL A 64 0.63 5.84 -17.84
CA VAL A 64 0.02 6.47 -16.68
C VAL A 64 1.09 6.79 -15.65
N ILE A 65 2.08 5.92 -15.52
CA ILE A 65 3.22 6.11 -14.63
C ILE A 65 4.46 5.86 -15.45
N THR A 66 5.24 6.91 -15.71
CA THR A 66 6.46 6.75 -16.48
C THR A 66 7.53 6.08 -15.63
N SER A 67 8.59 5.62 -16.29
CA SER A 67 9.66 4.92 -15.57
C SER A 67 10.31 5.82 -14.54
N THR A 68 10.40 7.12 -14.81
CA THR A 68 10.91 8.06 -13.81
C THR A 68 9.99 8.10 -12.60
N GLN A 69 8.67 8.18 -12.83
CA GLN A 69 7.72 8.22 -11.74
C GLN A 69 7.68 6.89 -10.98
N ALA A 70 7.91 5.77 -11.67
CA ALA A 70 7.82 4.46 -11.04
C ALA A 70 8.80 4.31 -9.89
N LYS A 71 9.95 4.99 -9.96
CA LYS A 71 10.96 4.95 -8.90
C LYS A 71 10.41 5.48 -7.58
N GLY A 72 9.40 6.35 -7.59
CA GLY A 72 8.81 6.80 -6.34
C GLY A 72 8.05 5.69 -5.64
N LEU A 73 7.25 4.94 -6.40
CA LEU A 73 6.59 3.76 -5.83
C LEU A 73 7.63 2.73 -5.40
N GLY A 74 8.70 2.57 -6.18
CA GLY A 74 9.72 1.61 -5.82
C GLY A 74 10.48 1.97 -4.56
N ASN A 75 10.83 3.25 -4.40
CA ASN A 75 11.53 3.70 -3.21
C ASN A 75 10.62 3.63 -1.99
N PHE A 76 9.33 3.91 -2.13
CA PHE A 76 8.36 3.67 -1.06
C PHE A 76 8.32 2.18 -0.69
N VAL A 77 8.13 1.31 -1.67
CA VAL A 77 8.08 -0.14 -1.48
C VAL A 77 9.32 -0.63 -0.76
N SER A 78 10.49 -0.42 -1.34
CA SER A 78 11.74 -1.05 -0.90
C SER A 78 12.33 -0.41 0.33
N ARG A 79 12.13 0.90 0.56
CA ARG A 79 12.75 1.63 1.68
C ARG A 79 11.80 2.03 2.79
N PHE A 80 10.49 1.88 2.64
CA PHE A 80 9.52 2.19 3.70
C PHE A 80 8.56 1.05 3.99
N ALA A 81 7.81 0.56 3.00
CA ALA A 81 6.80 -0.47 3.23
C ALA A 81 7.42 -1.84 3.57
N LEU A 82 8.35 -2.35 2.76
CA LEU A 82 9.05 -3.60 3.01
C LEU A 82 9.84 -3.62 4.33
N PRO A 83 10.65 -2.61 4.66
CA PRO A 83 11.40 -2.62 5.91
C PRO A 83 10.49 -2.60 7.14
N ALA A 84 9.33 -1.95 7.08
CA ALA A 84 8.33 -2.01 8.13
C ALA A 84 7.65 -3.39 8.25
N LEU A 85 7.33 -4.01 7.13
CA LEU A 85 6.78 -5.36 7.09
C LEU A 85 7.75 -6.36 7.71
N LEU A 86 9.03 -6.25 7.35
CA LEU A 86 10.10 -7.07 7.93
C LEU A 86 10.25 -6.84 9.42
N PHE A 87 10.36 -5.58 9.86
CA PHE A 87 10.51 -5.29 11.29
C PHE A 87 9.35 -5.84 12.08
N LYS A 88 8.11 -5.61 11.63
CA LYS A 88 6.89 -6.07 12.29
C LYS A 88 6.95 -7.57 12.50
N ASN A 89 7.12 -8.33 11.41
CA ASN A 89 7.09 -9.78 11.44
C ASN A 89 8.27 -10.36 12.21
N MET A 90 9.46 -9.79 12.07
CA MET A 90 10.63 -10.18 12.84
C MET A 90 10.51 -9.93 14.33
N VAL A 91 9.88 -8.84 14.77
CA VAL A 91 9.69 -8.59 16.19
C VAL A 91 8.65 -9.55 16.77
N VAL A 92 7.62 -9.87 15.98
CA VAL A 92 6.54 -10.72 16.48
C VAL A 92 6.94 -12.21 16.55
N LEU A 93 7.95 -12.63 15.79
CA LEU A 93 8.27 -14.03 15.54
C LEU A 93 8.62 -14.82 16.81
N ASN A 94 7.97 -15.95 17.04
CA ASN A 94 8.38 -16.86 18.10
C ASN A 94 9.47 -17.80 17.57
N PHE A 95 10.74 -17.49 17.83
CA PHE A 95 11.86 -18.27 17.33
C PHE A 95 11.91 -19.69 17.92
N SER A 96 11.40 -19.94 19.11
CA SER A 96 11.38 -21.30 19.63
C SER A 96 10.31 -22.16 18.97
N ASN A 97 9.35 -21.57 18.26
CA ASN A 97 8.32 -22.27 17.47
C ASN A 97 8.75 -22.55 16.01
N VAL A 98 9.96 -22.17 15.61
CA VAL A 98 10.49 -22.36 14.25
C VAL A 98 10.94 -23.80 14.05
N ASP A 99 10.60 -24.41 12.92
CA ASP A 99 11.28 -25.61 12.47
C ASP A 99 12.60 -25.23 11.79
N TRP A 100 13.68 -25.35 12.56
CA TRP A 100 15.00 -24.98 12.08
C TRP A 100 15.49 -25.90 10.99
N SER A 101 15.14 -27.18 11.04
CA SER A 101 15.53 -28.09 9.97
C SER A 101 14.86 -27.74 8.64
N PHE A 102 13.62 -27.27 8.67
CA PHE A 102 12.95 -26.71 7.50
C PHE A 102 13.69 -25.48 6.96
N LEU A 103 14.07 -24.51 7.79
CA LEU A 103 14.90 -23.41 7.30
C LEU A 103 16.19 -23.92 6.69
N TYR A 104 16.91 -24.78 7.41
CA TYR A 104 18.20 -25.27 6.94
C TYR A 104 18.05 -25.94 5.59
N SER A 105 16.98 -26.72 5.40
CA SER A 105 16.84 -27.47 4.15
C SER A 105 16.46 -26.55 2.99
N ILE A 106 15.62 -25.54 3.18
CA ILE A 106 15.35 -24.55 2.10
C ILE A 106 16.59 -23.73 1.79
N LEU A 107 17.35 -23.35 2.81
CA LEU A 107 18.62 -22.65 2.66
C LEU A 107 19.70 -23.53 2.01
N ILE A 108 19.71 -24.83 2.28
CA ILE A 108 20.66 -25.74 1.67
C ILE A 108 20.26 -26.03 0.23
N ALA A 109 18.96 -26.06 -0.08
CA ALA A 109 18.46 -26.12 -1.45
C ALA A 109 18.80 -24.85 -2.25
N LYS A 110 18.54 -23.65 -1.72
CA LYS A 110 18.98 -22.40 -2.35
C LYS A 110 20.51 -22.32 -2.47
N ALA A 111 21.27 -22.68 -1.46
CA ALA A 111 22.73 -22.69 -1.51
C ALA A 111 23.29 -23.72 -2.50
N SER A 112 22.67 -24.89 -2.66
CA SER A 112 23.14 -25.87 -3.63
C SER A 112 22.77 -25.47 -5.05
N VAL A 113 21.59 -24.87 -5.29
CA VAL A 113 21.26 -24.33 -6.62
C VAL A 113 22.21 -23.21 -6.98
N PHE A 114 22.51 -22.32 -6.03
CA PHE A 114 23.53 -21.30 -6.22
C PHE A 114 24.85 -21.95 -6.62
N PHE A 115 25.36 -22.89 -5.84
CA PHE A 115 26.59 -23.61 -6.14
C PHE A 115 26.56 -24.29 -7.51
N ILE A 116 25.46 -24.96 -7.88
CA ILE A 116 25.34 -25.61 -9.18
C ILE A 116 25.42 -24.59 -10.30
N VAL A 117 24.57 -23.57 -10.27
CA VAL A 117 24.52 -22.55 -11.33
C VAL A 117 25.79 -21.72 -11.38
N CYS A 118 26.40 -21.45 -10.22
CA CYS A 118 27.66 -20.74 -10.08
C CYS A 118 28.80 -21.52 -10.73
N VAL A 119 28.99 -22.79 -10.35
CA VAL A 119 30.06 -23.62 -10.91
C VAL A 119 29.85 -23.83 -12.40
N LEU A 120 28.61 -24.10 -12.81
CA LEU A 120 28.32 -24.29 -14.23
C LEU A 120 28.60 -23.02 -15.03
N THR A 121 28.21 -21.87 -14.53
CA THR A 121 28.43 -20.60 -15.23
C THR A 121 29.92 -20.32 -15.37
N LEU A 122 30.71 -20.57 -14.33
CA LEU A 122 32.17 -20.45 -14.39
C LEU A 122 32.79 -21.38 -15.44
N LEU A 123 32.31 -22.62 -15.53
CA LEU A 123 32.81 -23.60 -16.48
C LEU A 123 32.35 -23.35 -17.92
N VAL A 124 31.15 -22.80 -18.14
CA VAL A 124 30.58 -22.70 -19.49
C VAL A 124 30.85 -21.34 -20.12
N ALA A 125 30.78 -20.25 -19.38
CA ALA A 125 30.89 -18.90 -19.93
C ALA A 125 32.33 -18.50 -20.33
N SER A 126 32.46 -17.46 -21.14
CA SER A 126 33.75 -16.95 -21.60
C SER A 126 34.51 -16.14 -20.54
N PRO A 127 35.85 -16.19 -20.51
CA PRO A 127 36.69 -15.50 -19.51
C PRO A 127 36.46 -13.99 -19.34
N ASP A 128 35.91 -13.32 -20.35
CA ASP A 128 35.70 -11.87 -20.35
C ASP A 128 34.53 -11.39 -19.49
N SER A 129 33.54 -12.25 -19.20
CA SER A 129 32.34 -11.87 -18.44
C SER A 129 31.88 -12.93 -17.44
N ARG A 130 32.56 -14.07 -17.33
CA ARG A 130 32.06 -15.17 -16.50
C ARG A 130 31.93 -14.86 -15.02
N PHE A 131 32.62 -13.86 -14.47
CA PHE A 131 32.38 -13.43 -13.10
C PHE A 131 31.18 -12.50 -12.93
N SER A 132 30.82 -11.65 -13.91
CA SER A 132 29.51 -10.99 -13.88
C SER A 132 28.36 -11.98 -14.03
N LYS A 133 28.51 -12.97 -14.91
CA LYS A 133 27.52 -14.03 -15.09
C LYS A 133 27.43 -14.90 -13.84
N ALA A 134 28.53 -15.46 -13.36
CA ALA A 134 28.51 -16.28 -12.14
C ALA A 134 28.16 -15.48 -10.88
N GLY A 135 28.27 -14.15 -10.89
CA GLY A 135 27.73 -13.34 -9.82
C GLY A 135 26.21 -13.37 -9.81
N LEU A 136 25.58 -12.96 -10.90
CA LEU A 136 24.14 -12.70 -10.92
C LEU A 136 23.28 -13.87 -11.40
N PHE A 137 23.76 -14.78 -12.22
CA PHE A 137 22.99 -15.96 -12.63
C PHE A 137 22.62 -16.89 -11.46
N PRO A 138 23.49 -17.13 -10.46
CA PRO A 138 23.12 -17.87 -9.26
C PRO A 138 22.18 -17.10 -8.32
N ILE A 139 22.34 -15.79 -8.18
CA ILE A 139 21.39 -14.94 -7.45
C ILE A 139 20.03 -15.01 -8.15
N PHE A 140 19.97 -14.94 -9.47
CA PHE A 140 18.75 -15.12 -10.24
C PHE A 140 18.10 -16.47 -9.98
N ALA A 141 18.85 -17.57 -10.06
CA ALA A 141 18.32 -18.91 -9.88
C ALA A 141 17.85 -19.24 -8.45
N THR A 142 18.06 -18.36 -7.47
CA THR A 142 17.81 -18.65 -6.05
C THR A 142 17.02 -17.58 -5.31
N GLN A 143 17.16 -16.30 -5.62
CA GLN A 143 16.41 -15.24 -4.94
C GLN A 143 14.98 -15.17 -5.50
N SER A 144 14.09 -15.87 -4.83
CA SER A 144 12.64 -15.82 -4.99
C SER A 144 12.08 -14.43 -4.62
N ASN A 145 10.95 -14.06 -5.21
CA ASN A 145 10.14 -12.93 -4.79
C ASN A 145 9.28 -13.30 -3.57
N ASP A 146 9.95 -13.53 -2.45
CA ASP A 146 9.36 -14.15 -1.27
C ASP A 146 8.34 -13.23 -0.59
N PHE A 147 8.57 -11.93 -0.56
CA PHE A 147 7.71 -11.01 0.17
C PHE A 147 6.47 -10.60 -0.63
N ALA A 148 6.62 -10.22 -1.89
CA ALA A 148 5.51 -9.68 -2.66
C ALA A 148 4.60 -10.78 -3.21
N LEU A 149 5.17 -11.81 -3.83
CA LEU A 149 4.40 -12.93 -4.38
C LEU A 149 4.32 -14.10 -3.43
N GLY A 150 5.44 -14.51 -2.84
CA GLY A 150 5.44 -15.64 -1.93
C GLY A 150 4.47 -15.46 -0.78
N TYR A 151 4.55 -14.35 -0.03
CA TYR A 151 3.79 -14.20 1.20
C TYR A 151 2.28 -14.26 0.99
N PRO A 152 1.64 -13.48 0.10
CA PRO A 152 0.20 -13.59 -0.11
C PRO A 152 -0.26 -14.97 -0.56
N ILE A 153 0.53 -15.66 -1.39
CA ILE A 153 0.22 -17.00 -1.89
C ILE A 153 0.33 -18.06 -0.79
N VAL A 154 1.33 -17.94 0.08
CA VAL A 154 1.48 -18.79 1.26
C VAL A 154 0.41 -18.50 2.30
N GLU A 155 0.07 -17.24 2.50
CA GLU A 155 -1.03 -16.84 3.36
C GLU A 155 -2.35 -17.42 2.85
N ALA A 156 -2.63 -17.36 1.56
CA ALA A 156 -3.82 -17.98 0.98
C ALA A 156 -3.88 -19.50 1.21
N LEU A 157 -2.79 -20.21 0.96
CA LEU A 157 -2.73 -21.66 1.08
C LEU A 157 -2.74 -22.15 2.53
N TYR A 158 -2.06 -21.45 3.44
CA TYR A 158 -1.68 -22.01 4.73
C TYR A 158 -2.13 -21.24 5.95
N GLN A 159 -2.61 -20.00 5.85
CA GLN A 159 -3.01 -19.22 7.03
C GLN A 159 -4.04 -19.94 7.92
N THR A 160 -4.91 -20.77 7.37
CA THR A 160 -5.89 -21.53 8.18
C THR A 160 -5.36 -22.89 8.61
N THR A 161 -4.79 -23.68 7.71
CA THR A 161 -4.34 -25.04 8.00
C THR A 161 -3.05 -25.07 8.79
N TYR A 162 -2.09 -24.20 8.48
CA TYR A 162 -0.74 -24.15 9.03
C TYR A 162 -0.21 -22.70 9.09
N PRO A 163 -0.76 -21.84 9.97
CA PRO A 163 -0.40 -20.42 10.04
C PRO A 163 1.08 -20.17 10.36
N GLU A 164 1.76 -21.12 10.98
CA GLU A 164 3.20 -21.09 11.22
C GLU A 164 4.04 -21.12 9.94
N TYR A 165 3.47 -21.51 8.79
CA TYR A 165 4.30 -21.61 7.55
C TYR A 165 4.69 -20.19 7.10
N LEU A 166 3.87 -19.20 7.39
CA LEU A 166 4.08 -17.79 7.06
C LEU A 166 5.33 -17.19 7.75
N GLN A 167 5.76 -17.73 8.89
CA GLN A 167 7.02 -17.35 9.55
C GLN A 167 8.23 -17.53 8.65
N TYR A 168 8.26 -18.64 7.90
CA TYR A 168 9.44 -19.04 7.17
C TYR A 168 9.74 -18.16 5.97
N ILE A 169 8.79 -17.38 5.46
CA ILE A 169 9.11 -16.39 4.43
C ILE A 169 10.03 -15.30 4.96
N TYR A 170 9.72 -14.75 6.13
CA TYR A 170 10.53 -13.71 6.73
C TYR A 170 11.83 -14.22 7.32
N LEU A 171 11.96 -15.52 7.55
CA LEU A 171 13.24 -16.15 7.88
C LEU A 171 14.04 -16.49 6.63
N VAL A 172 13.52 -17.36 5.76
CA VAL A 172 14.27 -17.92 4.63
C VAL A 172 14.75 -16.82 3.71
N ALA A 173 13.87 -15.89 3.32
CA ALA A 173 14.22 -14.88 2.33
C ALA A 173 15.38 -13.98 2.75
N PRO A 174 15.38 -13.32 3.93
CA PRO A 174 16.53 -12.60 4.42
C PRO A 174 17.78 -13.44 4.63
N ILE A 175 17.68 -14.63 5.22
CA ILE A 175 18.87 -15.45 5.49
C ILE A 175 19.53 -15.92 4.19
N SER A 176 18.73 -16.20 3.17
CA SER A 176 19.20 -16.51 1.81
C SER A 176 19.90 -15.34 1.13
N LEU A 177 19.46 -14.10 1.35
CA LEU A 177 20.21 -12.90 0.95
C LEU A 177 21.54 -12.82 1.70
N MET A 178 21.56 -12.96 3.02
CA MET A 178 22.79 -12.86 3.81
C MET A 178 23.83 -13.91 3.42
N MET A 179 23.41 -15.13 3.06
CA MET A 179 24.34 -16.13 2.55
C MET A 179 24.79 -15.84 1.11
N LEU A 180 23.83 -15.67 0.20
CA LEU A 180 24.08 -15.86 -1.23
C LEU A 180 24.27 -14.58 -2.01
N ASN A 181 23.62 -13.48 -1.62
CA ASN A 181 23.85 -12.21 -2.29
C ASN A 181 25.27 -11.65 -2.09
N PRO A 182 25.98 -11.78 -0.95
CA PRO A 182 27.35 -11.30 -0.90
C PRO A 182 28.28 -12.14 -1.76
N ILE A 183 28.04 -13.44 -1.92
CA ILE A 183 28.86 -14.29 -2.80
C ILE A 183 28.72 -13.83 -4.25
N GLY A 184 27.51 -13.51 -4.71
CA GLY A 184 27.34 -12.98 -6.07
C GLY A 184 27.91 -11.57 -6.23
N PHE A 185 27.86 -10.73 -5.19
CA PHE A 185 28.49 -9.42 -5.22
C PHE A 185 30.02 -9.51 -5.21
N ILE A 186 30.60 -10.48 -4.49
CA ILE A 186 32.03 -10.80 -4.51
C ILE A 186 32.48 -11.18 -5.92
N PHE A 187 31.74 -12.03 -6.63
CA PHE A 187 32.02 -12.33 -8.04
C PHE A 187 31.96 -11.09 -8.95
N CYS A 188 31.00 -10.20 -8.76
CA CYS A 188 30.96 -8.94 -9.51
C CYS A 188 32.15 -8.02 -9.21
N GLU A 189 32.56 -7.89 -7.95
CA GLU A 189 33.79 -7.12 -7.62
C GLU A 189 35.05 -7.77 -8.19
N ILE A 190 35.13 -9.11 -8.23
CA ILE A 190 36.20 -9.85 -8.89
C ILE A 190 36.23 -9.56 -10.40
N GLN A 191 35.08 -9.44 -11.07
CA GLN A 191 35.06 -9.04 -12.47
C GLN A 191 35.72 -7.67 -12.67
N LYS A 192 35.34 -6.67 -11.88
CA LYS A 192 35.93 -5.32 -11.97
C LYS A 192 37.41 -5.32 -11.60
N TRP A 193 37.83 -6.10 -10.60
CA TRP A 193 39.22 -6.22 -10.21
C TRP A 193 40.12 -6.82 -11.30
N LYS A 194 39.63 -7.82 -12.05
CA LYS A 194 40.35 -8.39 -13.20
C LYS A 194 40.23 -7.54 -14.47
N ASP A 195 39.09 -6.89 -14.70
CA ASP A 195 38.89 -5.96 -15.82
C ASP A 195 39.86 -4.77 -15.76
N THR A 196 40.10 -4.26 -14.55
CA THR A 196 41.15 -3.26 -14.24
C THR A 196 42.57 -3.86 -14.16
N GLN A 197 42.77 -5.08 -14.64
CA GLN A 197 44.06 -5.75 -14.91
C GLN A 197 44.98 -5.96 -13.69
N ASN A 198 44.41 -6.01 -12.48
CA ASN A 198 45.15 -6.45 -11.28
C ASN A 198 45.42 -7.97 -11.34
N ALA A 199 46.58 -8.41 -10.84
CA ALA A 199 46.80 -9.83 -10.56
C ALA A 199 45.91 -10.32 -9.39
N SER A 200 45.85 -9.52 -8.32
CA SER A 200 44.75 -9.50 -7.35
C SER A 200 44.67 -8.13 -6.69
N GLN A 201 43.47 -7.68 -6.33
CA GLN A 201 43.29 -6.64 -5.31
C GLN A 201 43.53 -7.24 -3.90
N ASN A 202 43.45 -6.42 -2.86
CA ASN A 202 43.31 -6.95 -1.51
C ASN A 202 41.96 -7.69 -1.38
N LYS A 203 42.00 -8.98 -1.08
CA LYS A 203 40.80 -9.82 -0.95
C LYS A 203 39.86 -9.34 0.15
N ILE A 204 40.39 -8.76 1.22
CA ILE A 204 39.58 -8.28 2.34
C ILE A 204 38.65 -7.14 1.90
N LYS A 205 39.09 -6.26 1.00
CA LYS A 205 38.22 -5.19 0.46
C LYS A 205 37.16 -5.71 -0.49
N ILE A 206 37.45 -6.74 -1.30
CA ILE A 206 36.44 -7.44 -2.13
C ILE A 206 35.38 -8.10 -1.26
N VAL A 207 35.77 -8.92 -0.28
CA VAL A 207 34.84 -9.58 0.65
C VAL A 207 34.10 -8.56 1.50
N GLY A 208 34.79 -7.54 1.99
CA GLY A 208 34.22 -6.46 2.78
C GLY A 208 33.20 -5.61 2.03
N LEU A 209 33.47 -5.19 0.79
CA LEU A 209 32.50 -4.42 0.01
C LEU A 209 31.31 -5.29 -0.42
N GLY A 210 31.52 -6.56 -0.76
CA GLY A 210 30.43 -7.49 -1.03
C GLY A 210 29.50 -7.66 0.19
N LEU A 211 30.07 -7.92 1.37
CA LEU A 211 29.30 -7.98 2.61
C LEU A 211 28.64 -6.65 2.96
N LEU A 212 29.32 -5.52 2.81
CA LEU A 212 28.76 -4.22 3.16
C LEU A 212 27.58 -3.88 2.25
N ARG A 213 27.68 -4.22 0.96
CA ARG A 213 26.61 -4.04 0.00
C ARG A 213 25.38 -4.88 0.35
N VAL A 214 25.57 -6.12 0.83
CA VAL A 214 24.44 -6.91 1.29
C VAL A 214 23.88 -6.41 2.61
N LEU A 215 24.70 -5.91 3.53
CA LEU A 215 24.18 -5.33 4.77
C LEU A 215 23.39 -4.05 4.51
N GLN A 216 23.71 -3.33 3.43
CA GLN A 216 23.01 -2.10 3.11
C GLN A 216 21.60 -2.35 2.58
N ASN A 217 21.27 -3.58 2.16
CA ASN A 217 19.95 -3.91 1.66
C ASN A 217 18.96 -3.79 2.82
N PRO A 218 17.86 -3.04 2.70
CA PRO A 218 16.86 -2.93 3.78
C PRO A 218 16.40 -4.28 4.31
N ILE A 219 16.33 -5.29 3.44
CA ILE A 219 15.93 -6.64 3.83
C ILE A 219 16.83 -7.18 4.94
N VAL A 220 18.15 -7.06 4.76
CA VAL A 220 19.10 -7.65 5.69
C VAL A 220 19.16 -6.86 7.00
N PHE A 221 19.30 -5.52 6.91
CA PHE A 221 19.50 -4.80 8.16
C PHE A 221 18.21 -4.63 8.94
N MET A 222 17.06 -4.54 8.29
CA MET A 222 15.83 -4.49 9.07
C MET A 222 15.47 -5.84 9.66
N VAL A 223 15.94 -6.95 9.10
CA VAL A 223 15.84 -8.24 9.78
C VAL A 223 16.75 -8.28 10.99
N PHE A 224 17.98 -7.76 10.89
CA PHE A 224 18.86 -7.70 12.06
C PHE A 224 18.28 -6.82 13.17
N ILE A 225 17.80 -5.64 12.80
CA ILE A 225 17.18 -4.72 13.75
C ILE A 225 15.92 -5.33 14.35
N GLY A 226 15.13 -6.04 13.53
CA GLY A 226 13.92 -6.66 14.02
C GLY A 226 14.17 -7.82 14.95
N ILE A 227 15.20 -8.63 14.70
CA ILE A 227 15.64 -9.75 15.55
C ILE A 227 16.11 -9.20 16.90
N ALA A 228 16.85 -8.10 16.89
CA ALA A 228 17.26 -7.45 18.12
C ALA A 228 16.05 -6.97 18.92
N PHE A 229 15.13 -6.28 18.26
CA PHE A 229 13.97 -5.77 19.00
C PHE A 229 13.00 -6.87 19.41
N ASN A 230 13.01 -8.01 18.72
CA ASN A 230 12.31 -9.20 19.18
C ASN A 230 12.77 -9.55 20.59
N PHE A 231 14.09 -9.56 20.81
CA PHE A 231 14.58 -9.87 22.15
C PHE A 231 14.40 -8.70 23.13
N ILE A 232 14.60 -7.46 22.67
CA ILE A 232 14.51 -6.30 23.54
C ILE A 232 13.08 -6.15 24.09
N LEU A 233 12.08 -6.38 23.25
CA LEU A 233 10.70 -6.15 23.60
C LEU A 233 9.97 -7.37 24.12
N ASP A 234 10.63 -8.54 24.12
CA ASP A 234 9.95 -9.83 24.30
C ASP A 234 8.72 -9.92 23.41
N ARG A 235 8.93 -9.60 22.13
CA ARG A 235 8.01 -9.86 21.03
C ARG A 235 6.77 -8.97 21.03
N LYS A 236 6.60 -8.16 22.08
CA LYS A 236 5.45 -7.27 22.18
C LYS A 236 5.75 -6.00 21.38
N VAL A 237 5.14 -5.87 20.21
CA VAL A 237 5.26 -4.59 19.50
C VAL A 237 4.52 -3.53 20.30
N PRO A 238 5.15 -2.40 20.63
CA PRO A 238 4.45 -1.37 21.39
C PRO A 238 3.21 -0.91 20.64
N VAL A 239 2.14 -0.62 21.39
CA VAL A 239 0.88 -0.26 20.76
C VAL A 239 1.06 0.97 19.88
N TYR A 240 1.90 1.91 20.31
CA TYR A 240 2.17 3.10 19.52
C TYR A 240 2.75 2.73 18.17
N VAL A 241 3.73 1.83 18.15
CA VAL A 241 4.45 1.50 16.94
C VAL A 241 3.73 0.43 16.11
N GLU A 242 2.86 -0.36 16.75
CA GLU A 242 2.20 -1.45 16.04
C GLU A 242 1.38 -0.95 14.86
N ASN A 243 0.51 0.04 15.05
CA ASN A 243 -0.30 0.52 13.94
C ASN A 243 0.53 1.29 12.91
N PHE A 244 1.62 1.95 13.27
CA PHE A 244 2.53 2.53 12.29
C PHE A 244 3.15 1.45 11.38
N LEU A 245 3.61 0.35 11.97
CA LEU A 245 4.11 -0.79 11.22
C LEU A 245 3.01 -1.52 10.45
N ASP A 246 1.78 -1.58 10.94
CA ASP A 246 0.64 -2.08 10.16
C ASP A 246 0.41 -1.24 8.92
N GLY A 247 0.32 0.08 9.03
CA GLY A 247 0.02 0.94 7.90
C GLY A 247 1.08 0.85 6.80
N LEU A 248 2.37 0.91 7.16
CA LEU A 248 3.44 0.70 6.19
C LEU A 248 3.48 -0.76 5.70
N GLY A 249 3.44 -1.74 6.59
CA GLY A 249 3.50 -3.14 6.22
C GLY A 249 2.36 -3.59 5.31
N ASN A 250 1.11 -3.27 5.62
CA ASN A 250 -0.04 -3.61 4.79
C ASN A 250 0.04 -2.94 3.41
N SER A 251 0.69 -1.80 3.31
CA SER A 251 0.85 -1.12 2.03
C SER A 251 1.82 -1.82 1.09
N PHE A 252 2.77 -2.61 1.60
CA PHE A 252 3.78 -3.27 0.78
C PHE A 252 3.19 -4.19 -0.27
N SER A 253 2.28 -5.09 0.09
CA SER A 253 1.86 -6.19 -0.78
C SER A 253 1.33 -5.66 -2.12
N GLY A 254 0.29 -4.84 -2.11
CA GLY A 254 -0.26 -4.26 -3.34
C GLY A 254 0.71 -3.33 -4.06
N SER A 255 1.46 -2.50 -3.34
CA SER A 255 2.37 -1.55 -3.97
C SER A 255 3.60 -2.23 -4.60
N ALA A 256 4.08 -3.33 -4.06
CA ALA A 256 5.24 -4.07 -4.57
C ALA A 256 4.90 -4.88 -5.82
N LEU A 257 3.74 -5.52 -5.83
CA LEU A 257 3.19 -6.17 -7.01
C LEU A 257 2.94 -5.15 -8.14
N PHE A 258 2.43 -3.97 -7.80
CA PHE A 258 2.21 -2.93 -8.79
C PHE A 258 3.54 -2.34 -9.30
N TYR A 259 4.51 -2.11 -8.40
CA TYR A 259 5.84 -1.69 -8.80
C TYR A 259 6.53 -2.75 -9.67
N LEU A 260 6.41 -4.02 -9.31
CA LEU A 260 6.89 -5.13 -10.11
C LEU A 260 6.30 -5.04 -11.51
N GLY A 261 4.99 -4.85 -11.66
CA GLY A 261 4.37 -4.69 -12.96
C GLY A 261 4.95 -3.54 -13.75
N LEU A 262 5.11 -2.38 -13.09
CA LEU A 262 5.70 -1.22 -13.75
C LEU A 262 7.11 -1.52 -14.24
N THR A 263 7.93 -2.20 -13.43
CA THR A 263 9.30 -2.53 -13.81
C THR A 263 9.37 -3.54 -14.95
N MET A 264 8.32 -4.30 -15.24
CA MET A 264 8.31 -5.22 -16.37
C MET A 264 8.16 -4.52 -17.73
N VAL A 265 7.80 -3.24 -17.79
CA VAL A 265 7.46 -2.62 -19.06
C VAL A 265 8.74 -2.35 -19.85
N GLY A 266 8.81 -2.93 -21.05
CA GLY A 266 9.95 -2.75 -21.93
C GLY A 266 11.15 -3.61 -21.60
N LYS A 267 11.03 -4.58 -20.70
CA LYS A 267 12.18 -5.40 -20.28
C LYS A 267 12.43 -6.62 -21.14
N ILE A 268 11.46 -7.17 -21.88
CA ILE A 268 11.77 -8.29 -22.77
C ILE A 268 12.37 -7.75 -24.07
N LYS A 269 13.68 -7.55 -24.04
CA LYS A 269 14.47 -7.22 -25.23
C LYS A 269 14.42 -8.40 -26.20
N ARG A 270 14.56 -8.16 -27.50
CA ARG A 270 14.90 -9.20 -28.46
C ARG A 270 16.26 -9.76 -28.09
N LEU A 271 16.32 -11.05 -27.79
CA LEU A 271 17.51 -11.77 -27.34
C LEU A 271 18.06 -12.66 -28.44
N LYS A 272 19.38 -12.77 -28.53
CA LYS A 272 20.01 -13.80 -29.35
C LYS A 272 19.67 -15.19 -28.79
N LYS A 273 19.91 -16.21 -29.61
CA LYS A 273 19.61 -17.58 -29.18
C LYS A 273 20.45 -17.99 -27.98
N SER A 274 21.69 -17.52 -27.87
CA SER A 274 22.55 -17.82 -26.71
C SER A 274 21.97 -17.22 -25.43
N ALA A 275 21.58 -15.96 -25.47
CA ALA A 275 20.88 -15.30 -24.38
C ALA A 275 19.52 -15.96 -24.06
N PHE A 276 18.79 -16.39 -25.08
CA PHE A 276 17.49 -17.03 -24.90
C PHE A 276 17.58 -18.43 -24.29
N VAL A 277 18.56 -19.25 -24.69
CA VAL A 277 18.77 -20.56 -24.10
C VAL A 277 19.27 -20.42 -22.67
N VAL A 278 20.18 -19.48 -22.39
CA VAL A 278 20.61 -19.21 -21.02
C VAL A 278 19.42 -18.78 -20.16
N LEU A 279 18.56 -17.91 -20.68
CA LEU A 279 17.34 -17.52 -19.99
C LEU A 279 16.43 -18.71 -19.71
N ILE A 280 16.22 -19.63 -20.64
CA ILE A 280 15.40 -20.81 -20.40
C ILE A 280 16.02 -21.68 -19.32
N LEU A 281 17.34 -21.84 -19.37
CA LEU A 281 18.04 -22.65 -18.37
C LEU A 281 17.96 -22.02 -16.98
N LEU A 282 18.06 -20.70 -16.86
CA LEU A 282 17.97 -20.03 -15.55
C LEU A 282 16.56 -19.99 -14.99
N ILE A 283 15.55 -19.81 -15.84
CA ILE A 283 14.16 -19.94 -15.43
C ILE A 283 13.86 -21.38 -15.05
N THR A 284 14.49 -22.37 -15.68
CA THR A 284 14.35 -23.76 -15.27
C THR A 284 15.00 -24.01 -13.91
N ALA A 285 16.23 -23.50 -13.70
CA ALA A 285 16.91 -23.60 -12.43
C ALA A 285 16.03 -23.03 -11.31
N LYS A 286 15.44 -21.86 -11.55
CA LYS A 286 14.55 -21.22 -10.60
C LYS A 286 13.23 -21.96 -10.35
N LEU A 287 12.49 -22.31 -11.39
CA LEU A 287 11.08 -22.73 -11.27
C LEU A 287 10.86 -24.23 -11.32
N LEU A 288 11.89 -25.03 -11.57
CA LEU A 288 11.78 -26.49 -11.62
C LEU A 288 12.85 -27.17 -10.78
N VAL A 289 14.12 -26.84 -10.95
CA VAL A 289 15.19 -27.52 -10.22
C VAL A 289 15.19 -27.10 -8.76
N LEU A 290 15.07 -25.81 -8.46
CA LEU A 290 15.03 -25.34 -7.08
C LEU A 290 13.84 -25.94 -6.30
N PRO A 291 12.59 -25.95 -6.78
CA PRO A 291 11.49 -26.53 -6.02
C PRO A 291 11.59 -28.05 -5.84
N LEU A 292 12.14 -28.76 -6.81
CA LEU A 292 12.50 -30.17 -6.65
C LEU A 292 13.59 -30.38 -5.61
N LEU A 293 14.66 -29.57 -5.60
CA LEU A 293 15.69 -29.68 -4.59
C LEU A 293 15.18 -29.26 -3.21
N CYS A 294 14.30 -28.28 -3.11
CA CYS A 294 13.69 -27.90 -1.84
C CYS A 294 12.91 -29.07 -1.26
N ARG A 295 12.03 -29.68 -2.05
CA ARG A 295 11.23 -30.83 -1.62
C ARG A 295 12.11 -31.99 -1.18
N GLU A 296 13.19 -32.24 -1.91
CA GLU A 296 14.10 -33.32 -1.55
C GLU A 296 14.90 -32.98 -0.29
N MET A 297 15.43 -31.77 -0.21
CA MET A 297 16.23 -31.39 0.96
C MET A 297 15.39 -31.41 2.22
N VAL A 298 14.12 -31.02 2.16
CA VAL A 298 13.22 -31.11 3.31
C VAL A 298 12.97 -32.56 3.71
N GLU A 299 12.79 -33.44 2.75
CA GLU A 299 12.61 -34.85 3.03
C GLU A 299 13.88 -35.55 3.52
N LEU A 300 15.08 -35.10 3.12
CA LEU A 300 16.31 -35.72 3.57
C LEU A 300 16.85 -35.13 4.87
N LEU A 301 16.59 -33.85 5.12
CA LEU A 301 17.22 -33.16 6.25
C LEU A 301 16.28 -32.89 7.42
N ASP A 302 14.98 -32.70 7.20
CA ASP A 302 14.02 -32.53 8.29
C ASP A 302 13.27 -33.83 8.54
N LYS A 303 13.91 -34.78 9.23
CA LYS A 303 13.29 -36.08 9.50
C LYS A 303 12.58 -36.16 10.85
N GLY A 304 12.54 -35.10 11.65
CA GLY A 304 11.97 -35.19 12.98
C GLY A 304 10.52 -34.77 13.15
N ASP A 305 9.59 -35.19 12.28
CA ASP A 305 8.18 -34.80 12.39
C ASP A 305 7.20 -35.90 11.95
N SER A 306 5.94 -35.78 12.35
CA SER A 306 4.83 -36.67 11.99
C SER A 306 4.54 -36.62 10.49
N VAL A 307 4.08 -37.73 9.90
CA VAL A 307 3.93 -37.88 8.45
C VAL A 307 3.00 -36.83 7.82
N VAL A 308 1.96 -36.39 8.53
CA VAL A 308 1.07 -35.34 8.01
C VAL A 308 1.78 -34.00 7.92
N ASN A 309 2.47 -33.61 8.99
CA ASN A 309 3.27 -32.40 9.01
C ASN A 309 4.37 -32.48 7.97
N HIS A 310 5.13 -33.56 7.93
CA HIS A 310 6.25 -33.73 7.01
C HIS A 310 5.79 -33.63 5.55
N THR A 311 4.69 -34.26 5.18
CA THR A 311 4.14 -34.18 3.81
C THR A 311 3.71 -32.77 3.48
N SER A 312 3.00 -32.09 4.39
CA SER A 312 2.60 -30.70 4.18
C SER A 312 3.81 -29.77 4.04
N LEU A 313 4.83 -30.01 4.83
CA LEU A 313 6.04 -29.20 4.90
C LEU A 313 6.93 -29.41 3.68
N SER A 314 7.04 -30.62 3.14
CA SER A 314 7.72 -30.84 1.86
C SER A 314 6.90 -30.32 0.67
N ASN A 315 5.57 -30.36 0.71
CA ASN A 315 4.73 -29.66 -0.27
C ASN A 315 4.94 -28.14 -0.20
N TYR A 316 5.05 -27.56 0.98
CA TYR A 316 5.35 -26.15 1.14
C TYR A 316 6.74 -25.79 0.59
N ALA A 317 7.75 -26.62 0.85
CA ALA A 317 9.08 -26.49 0.28
C ALA A 317 9.07 -26.45 -1.24
N PHE A 318 8.24 -27.26 -1.88
CA PHE A 318 8.11 -27.24 -3.32
C PHE A 318 7.59 -25.88 -3.79
N LEU A 319 6.48 -25.39 -3.26
CA LEU A 319 5.93 -24.13 -3.78
C LEU A 319 6.72 -22.89 -3.32
N TYR A 320 7.60 -23.09 -2.34
CA TYR A 320 8.53 -22.00 -1.96
C TYR A 320 9.52 -21.85 -3.14
N GLY A 321 10.04 -22.98 -3.66
CA GLY A 321 10.95 -22.92 -4.79
C GLY A 321 10.33 -22.28 -6.04
N VAL A 322 9.01 -22.35 -6.23
CA VAL A 322 8.36 -21.85 -7.46
C VAL A 322 8.20 -20.33 -7.47
N PHE A 323 8.32 -19.61 -6.37
CA PHE A 323 8.20 -18.15 -6.39
C PHE A 323 9.17 -17.53 -7.40
N PRO A 324 8.79 -16.52 -8.18
CA PRO A 324 9.60 -16.05 -9.29
C PRO A 324 10.86 -15.33 -8.84
N VAL A 325 11.71 -14.90 -9.76
CA VAL A 325 12.90 -14.12 -9.39
C VAL A 325 12.52 -12.81 -8.70
N ALA A 326 13.27 -12.42 -7.68
CA ALA A 326 13.08 -11.16 -6.99
C ALA A 326 13.39 -9.96 -7.90
N PRO A 327 12.62 -8.87 -7.88
CA PRO A 327 12.96 -7.71 -8.67
C PRO A 327 14.27 -7.07 -8.22
N GLY A 328 14.73 -7.32 -6.98
CA GLY A 328 16.02 -6.87 -6.48
C GLY A 328 17.22 -7.30 -7.33
N VAL A 329 17.13 -8.43 -8.05
CA VAL A 329 18.18 -8.87 -8.97
C VAL A 329 18.20 -8.01 -10.24
N ALA A 330 17.04 -7.64 -10.78
CA ALA A 330 16.92 -6.73 -11.91
C ALA A 330 17.30 -5.29 -11.55
N ILE A 331 16.94 -4.83 -10.35
CA ILE A 331 17.37 -3.54 -9.81
C ILE A 331 18.89 -3.51 -9.67
N PHE A 332 19.51 -4.57 -9.15
CA PHE A 332 20.96 -4.69 -9.14
C PHE A 332 21.56 -4.69 -10.54
N ALA A 333 21.07 -5.53 -11.44
CA ALA A 333 21.58 -5.65 -12.81
C ALA A 333 21.52 -4.32 -13.56
N THR A 334 20.42 -3.58 -13.48
CA THR A 334 20.30 -2.27 -14.15
C THR A 334 21.19 -1.20 -13.52
N GLN A 335 21.45 -1.24 -12.21
CA GLN A 335 22.32 -0.26 -11.55
C GLN A 335 23.82 -0.58 -11.71
N PHE A 336 24.24 -1.84 -11.55
CA PHE A 336 25.60 -2.27 -11.86
C PHE A 336 25.90 -2.28 -13.37
N ASN A 337 24.87 -2.27 -14.22
CA ASN A 337 24.94 -2.61 -15.63
C ASN A 337 25.65 -3.95 -15.88
N MET A 338 25.18 -5.00 -15.21
CA MET A 338 25.64 -6.38 -15.41
C MET A 338 24.51 -7.28 -15.90
N GLU A 339 24.70 -7.97 -17.03
CA GLU A 339 23.77 -8.96 -17.59
C GLU A 339 22.32 -8.49 -17.72
N VAL A 340 22.13 -7.20 -17.99
CA VAL A 340 20.81 -6.54 -17.95
C VAL A 340 19.80 -7.25 -18.83
N GLU A 341 20.15 -7.69 -20.03
CA GLU A 341 19.19 -8.29 -20.94
C GLU A 341 18.60 -9.59 -20.40
N ILE A 342 19.44 -10.53 -19.98
CA ILE A 342 19.01 -11.85 -19.51
C ILE A 342 18.30 -11.69 -18.17
N ILE A 343 18.82 -10.87 -17.27
CA ILE A 343 18.25 -10.78 -15.93
C ILE A 343 16.95 -9.98 -15.90
N THR A 344 16.84 -8.88 -16.63
CA THR A 344 15.56 -8.17 -16.68
C THR A 344 14.51 -8.95 -17.46
N SER A 345 14.84 -9.54 -18.61
CA SER A 345 13.90 -10.39 -19.36
C SER A 345 13.50 -11.62 -18.56
N GLY A 346 14.48 -12.24 -17.91
CA GLY A 346 14.31 -13.46 -17.16
C GLY A 346 13.47 -13.26 -15.91
N MET A 347 13.57 -12.11 -15.26
CA MET A 347 12.75 -11.75 -14.12
C MET A 347 11.28 -11.56 -14.54
N VAL A 348 11.02 -10.94 -15.69
CA VAL A 348 9.66 -10.79 -16.24
C VAL A 348 9.06 -12.13 -16.65
N ILE A 349 9.78 -12.94 -17.41
CA ILE A 349 9.30 -14.25 -17.84
C ILE A 349 9.18 -15.20 -16.64
N SER A 350 10.09 -15.15 -15.69
CA SER A 350 10.02 -15.93 -14.45
C SER A 350 8.77 -15.57 -13.65
N THR A 351 8.47 -14.27 -13.52
CA THR A 351 7.25 -13.78 -12.89
C THR A 351 6.03 -14.38 -13.55
N ALA A 352 5.86 -14.19 -14.85
CA ALA A 352 4.68 -14.67 -15.53
C ALA A 352 4.57 -16.21 -15.48
N VAL A 353 5.66 -16.94 -15.73
CA VAL A 353 5.62 -18.40 -15.79
C VAL A 353 5.40 -19.01 -14.41
N SER A 354 5.81 -18.35 -13.33
CA SER A 354 5.61 -18.88 -11.98
C SER A 354 4.13 -18.95 -11.59
N ALA A 355 3.26 -18.12 -12.16
CA ALA A 355 1.84 -18.16 -11.89
C ALA A 355 1.17 -19.48 -12.28
N PRO A 356 1.27 -19.97 -13.54
CA PRO A 356 0.73 -21.29 -13.86
C PRO A 356 1.48 -22.42 -13.18
N ILE A 357 2.79 -22.30 -12.96
CA ILE A 357 3.55 -23.37 -12.30
C ILE A 357 3.17 -23.46 -10.82
N MET A 358 2.97 -22.36 -10.10
CA MET A 358 2.44 -22.40 -8.73
C MET A 358 1.06 -23.02 -8.70
N TYR A 359 0.18 -22.65 -9.64
CA TYR A 359 -1.16 -23.22 -9.65
C TYR A 359 -1.11 -24.73 -9.89
N VAL A 360 -0.46 -25.14 -10.98
CA VAL A 360 -0.38 -26.55 -11.34
C VAL A 360 0.29 -27.35 -10.23
N SER A 361 1.39 -26.83 -9.68
CA SER A 361 2.13 -27.53 -8.63
C SER A 361 1.33 -27.67 -7.36
N ALA A 362 0.74 -26.59 -6.86
CA ALA A 362 -0.04 -26.66 -5.64
C ALA A 362 -1.22 -27.64 -5.79
N TRP A 363 -1.88 -27.68 -6.93
CA TRP A 363 -2.97 -28.64 -7.12
C TRP A 363 -2.45 -30.07 -7.23
N LEU A 364 -1.33 -30.27 -7.91
CA LEU A 364 -0.74 -31.61 -7.99
C LEU A 364 -0.42 -32.15 -6.60
N LEU A 365 0.11 -31.30 -5.73
CA LEU A 365 0.48 -31.66 -4.38
C LEU A 365 -0.75 -31.86 -3.49
N THR A 366 -1.82 -31.10 -3.71
CA THR A 366 -3.08 -31.26 -2.98
C THR A 366 -3.87 -32.48 -3.40
N PHE A 367 -3.76 -32.92 -4.66
CA PHE A 367 -4.54 -34.05 -5.16
C PHE A 367 -4.42 -35.31 -4.30
N PRO A 368 -3.24 -35.76 -3.83
CA PRO A 368 -3.13 -36.89 -2.91
C PRO A 368 -4.02 -36.87 -1.67
N THR A 369 -4.52 -35.72 -1.22
CA THR A 369 -5.38 -35.64 -0.03
C THR A 369 -6.87 -35.84 -0.34
N MET A 370 -7.29 -35.74 -1.59
CA MET A 370 -8.70 -35.69 -1.96
C MET A 370 -9.22 -37.04 -2.42
N ASP A 371 -10.38 -37.44 -1.95
CA ASP A 371 -11.07 -38.62 -2.44
C ASP A 371 -11.47 -38.41 -3.89
N PRO A 372 -11.59 -39.48 -4.68
CA PRO A 372 -11.82 -39.31 -6.12
C PRO A 372 -13.07 -38.50 -6.48
N LYS A 373 -14.14 -38.57 -5.71
CA LYS A 373 -15.35 -37.83 -6.10
C LYS A 373 -15.23 -36.34 -5.82
N PRO A 374 -14.90 -35.91 -4.59
CA PRO A 374 -14.66 -34.48 -4.39
C PRO A 374 -13.49 -33.96 -5.19
N LEU A 375 -12.52 -34.83 -5.50
CA LEU A 375 -11.42 -34.46 -6.39
C LEU A 375 -11.93 -34.11 -7.78
N ALA A 376 -12.83 -34.93 -8.34
CA ALA A 376 -13.39 -34.66 -9.66
C ALA A 376 -14.11 -33.32 -9.64
N TYR A 377 -14.93 -33.05 -8.62
CA TYR A 377 -15.63 -31.78 -8.58
C TYR A 377 -14.66 -30.61 -8.41
N ALA A 378 -13.59 -30.81 -7.63
CA ALA A 378 -12.60 -29.76 -7.45
C ALA A 378 -11.88 -29.44 -8.76
N ILE A 379 -11.59 -30.44 -9.59
CA ILE A 379 -10.96 -30.25 -10.91
C ILE A 379 -11.92 -29.56 -11.89
N GLN A 380 -13.21 -29.89 -11.86
CA GLN A 380 -14.20 -29.14 -12.64
C GLN A 380 -14.36 -27.71 -12.13
N ASN A 381 -14.28 -27.47 -10.81
CA ASN A 381 -14.34 -26.12 -10.27
C ASN A 381 -13.12 -25.32 -10.68
N VAL A 382 -11.94 -25.95 -10.71
CA VAL A 382 -10.74 -25.33 -11.25
C VAL A 382 -10.97 -24.91 -12.70
N SER A 383 -11.55 -25.83 -13.49
CA SER A 383 -11.76 -25.54 -14.90
C SER A 383 -12.75 -24.40 -15.08
N PHE A 384 -13.79 -24.36 -14.25
CA PHE A 384 -14.73 -23.24 -14.28
C PHE A 384 -14.04 -21.93 -13.90
N ASP A 385 -13.20 -21.94 -12.87
CA ASP A 385 -12.47 -20.74 -12.48
C ASP A 385 -11.60 -20.22 -13.63
N ILE A 386 -10.76 -21.11 -14.17
CA ILE A 386 -9.84 -20.76 -15.26
C ILE A 386 -10.64 -20.26 -16.45
N SER A 387 -11.72 -20.94 -16.84
CA SER A 387 -12.52 -20.51 -17.98
C SER A 387 -13.31 -19.23 -17.73
N ILE A 388 -13.76 -18.90 -16.51
CA ILE A 388 -14.36 -17.60 -16.24
C ILE A 388 -13.37 -16.49 -16.53
N VAL A 389 -12.18 -16.53 -15.91
CA VAL A 389 -11.22 -15.43 -16.05
C VAL A 389 -10.62 -15.41 -17.45
N SER A 390 -10.35 -16.58 -18.02
CA SER A 390 -9.89 -16.73 -19.39
C SER A 390 -10.90 -16.19 -20.39
N LEU A 391 -12.21 -16.43 -20.21
CA LEU A 391 -13.25 -15.86 -21.06
C LEU A 391 -13.28 -14.34 -20.96
N ILE A 392 -13.16 -13.76 -19.77
CA ILE A 392 -13.11 -12.30 -19.64
C ILE A 392 -11.90 -11.74 -20.39
N SER A 393 -10.72 -12.34 -20.24
CA SER A 393 -9.51 -11.90 -20.93
C SER A 393 -9.59 -12.07 -22.45
N LEU A 394 -10.25 -13.13 -22.91
CA LEU A 394 -10.52 -13.37 -24.32
C LEU A 394 -11.53 -12.38 -24.88
N ILE A 395 -12.61 -12.08 -24.17
CA ILE A 395 -13.58 -11.07 -24.62
C ILE A 395 -12.90 -9.71 -24.80
N TRP A 396 -12.02 -9.31 -23.87
CA TRP A 396 -11.18 -8.13 -24.04
C TRP A 396 -10.28 -8.24 -25.27
N SER A 397 -9.58 -9.35 -25.43
CA SER A 397 -8.67 -9.55 -26.56
C SER A 397 -9.37 -9.58 -27.90
N LEU A 398 -10.48 -10.29 -28.02
CA LEU A 398 -11.35 -10.30 -29.19
C LEU A 398 -11.85 -8.91 -29.49
N ALA A 399 -12.37 -8.19 -28.51
CA ALA A 399 -12.84 -6.84 -28.74
C ALA A 399 -11.71 -5.96 -29.26
N ILE A 400 -10.51 -6.14 -28.70
CA ILE A 400 -9.35 -5.37 -29.16
C ILE A 400 -9.02 -5.70 -30.61
N LEU A 401 -9.00 -6.97 -30.99
CA LEU A 401 -8.74 -7.39 -32.38
C LEU A 401 -9.81 -6.88 -33.35
N LEU A 402 -11.08 -6.97 -32.96
CA LEU A 402 -12.20 -6.50 -33.76
C LEU A 402 -12.18 -4.96 -33.91
N LEU A 403 -12.00 -4.20 -32.83
CA LEU A 403 -12.07 -2.75 -32.87
C LEU A 403 -10.85 -2.14 -33.55
N SER A 404 -9.69 -2.76 -33.42
CA SER A 404 -8.52 -2.29 -34.13
C SER A 404 -8.66 -2.46 -35.64
N LYS A 405 -9.67 -3.22 -36.07
CA LYS A 405 -9.94 -3.60 -37.46
C LYS A 405 -8.80 -4.37 -38.09
N LYS A 406 -7.81 -4.84 -37.30
CA LYS A 406 -6.79 -5.75 -37.80
C LYS A 406 -7.36 -7.10 -38.18
N TYR A 407 -8.47 -7.53 -37.58
CA TYR A 407 -9.10 -8.82 -37.82
C TYR A 407 -9.46 -9.13 -39.30
N LYS A 408 -9.40 -8.15 -40.21
CA LYS A 408 -9.63 -8.35 -41.64
C LYS A 408 -8.38 -8.75 -42.44
N GLN A 409 -7.17 -8.57 -41.91
CA GLN A 409 -5.92 -9.00 -42.56
C GLN A 409 -5.67 -10.51 -42.39
N LEU A 410 -4.74 -11.08 -43.15
CA LEU A 410 -4.03 -12.30 -42.74
C LEU A 410 -2.66 -11.90 -42.17
N PRO A 411 -2.20 -12.45 -41.03
CA PRO A 411 -2.75 -13.57 -40.28
C PRO A 411 -3.87 -13.21 -39.29
N HIS A 412 -4.21 -11.94 -39.09
CA HIS A 412 -5.11 -11.53 -37.99
C HIS A 412 -6.53 -12.09 -38.02
N MET A 413 -7.09 -12.38 -39.18
CA MET A 413 -8.39 -13.05 -39.29
C MET A 413 -8.36 -14.44 -38.68
N LEU A 414 -7.24 -15.12 -38.88
CA LEU A 414 -7.03 -16.48 -38.46
C LEU A 414 -6.67 -16.53 -36.97
N THR A 415 -5.97 -15.53 -36.44
CA THR A 415 -5.81 -15.42 -34.97
C THR A 415 -7.15 -15.07 -34.33
N THR A 416 -8.00 -14.26 -34.97
CA THR A 416 -9.34 -13.93 -34.44
C THR A 416 -10.26 -15.15 -34.40
N ASN A 417 -10.18 -16.03 -35.37
CA ASN A 417 -10.85 -17.33 -35.33
C ASN A 417 -10.32 -18.25 -34.23
N LEU A 418 -9.01 -18.27 -33.98
CA LEU A 418 -8.45 -18.96 -32.83
C LEU A 418 -8.97 -18.41 -31.51
N LEU A 419 -9.02 -17.10 -31.34
CA LEU A 419 -9.57 -16.50 -30.14
C LEU A 419 -11.08 -16.78 -29.99
N ILE A 420 -11.86 -16.85 -31.07
CA ILE A 420 -13.28 -17.24 -31.01
C ILE A 420 -13.42 -18.70 -30.59
N ALA A 421 -12.60 -19.61 -31.11
CA ALA A 421 -12.59 -20.99 -30.66
C ALA A 421 -12.23 -21.10 -29.18
N GLN A 422 -11.21 -20.38 -28.73
CA GLN A 422 -10.85 -20.32 -27.32
C GLN A 422 -11.96 -19.73 -26.44
N SER A 423 -12.76 -18.80 -26.95
CA SER A 423 -13.87 -18.19 -26.21
C SER A 423 -15.09 -19.10 -26.11
N ILE A 424 -15.38 -19.87 -27.14
CA ILE A 424 -16.44 -20.89 -27.11
C ILE A 424 -16.02 -22.05 -26.21
N VAL A 425 -14.74 -22.41 -26.17
CA VAL A 425 -14.19 -23.36 -25.20
C VAL A 425 -14.39 -22.88 -23.76
N CYS A 426 -14.07 -21.62 -23.47
CA CYS A 426 -14.21 -21.10 -22.11
C CYS A 426 -15.69 -20.96 -21.70
N ALA A 427 -16.55 -20.42 -22.57
CA ALA A 427 -17.99 -20.38 -22.32
C ALA A 427 -18.59 -21.79 -22.20
N GLY A 428 -18.14 -22.73 -23.03
CA GLY A 428 -18.54 -24.13 -22.99
C GLY A 428 -18.20 -24.78 -21.67
N MET A 429 -17.02 -24.54 -21.10
CA MET A 429 -16.71 -25.06 -19.76
C MET A 429 -17.58 -24.43 -18.67
N MET A 430 -17.89 -23.14 -18.74
CA MET A 430 -18.85 -22.55 -17.81
C MET A 430 -20.22 -23.23 -17.90
N ILE A 431 -20.76 -23.38 -19.11
CA ILE A 431 -22.05 -24.04 -19.34
C ILE A 431 -21.99 -25.50 -18.90
N TRP A 432 -20.91 -26.21 -19.20
CA TRP A 432 -20.68 -27.57 -18.74
C TRP A 432 -20.73 -27.67 -17.23
N ASN A 433 -20.11 -26.77 -16.47
CA ASN A 433 -20.10 -26.86 -15.03
C ASN A 433 -21.50 -26.73 -14.45
N PHE A 434 -22.38 -26.00 -15.15
CA PHE A 434 -23.77 -25.98 -14.69
C PHE A 434 -24.57 -27.19 -15.18
N VAL A 435 -24.17 -27.80 -16.30
CA VAL A 435 -24.93 -28.88 -16.95
C VAL A 435 -24.37 -30.27 -16.62
N LYS A 436 -23.23 -30.34 -15.90
CA LYS A 436 -22.35 -31.51 -15.92
C LYS A 436 -23.05 -32.83 -15.60
N GLU A 437 -24.01 -32.82 -14.67
CA GLU A 437 -24.75 -34.04 -14.34
C GLU A 437 -26.25 -33.80 -14.41
N LYS A 438 -26.69 -32.77 -15.14
CA LYS A 438 -28.08 -32.35 -15.11
C LYS A 438 -28.95 -33.18 -16.03
N ASN A 439 -28.73 -33.10 -17.35
CA ASN A 439 -29.60 -33.80 -18.29
C ASN A 439 -28.86 -34.14 -19.57
N PHE A 440 -29.25 -35.25 -20.18
CA PHE A 440 -28.55 -35.82 -21.34
C PHE A 440 -28.64 -34.95 -22.59
N VAL A 441 -29.73 -34.21 -22.80
CA VAL A 441 -29.85 -33.36 -23.98
C VAL A 441 -28.88 -32.19 -23.92
N GLY A 442 -28.91 -31.47 -22.79
CA GLY A 442 -27.97 -30.38 -22.61
C GLY A 442 -26.54 -30.88 -22.61
N GLN A 443 -26.26 -32.01 -21.95
CA GLN A 443 -24.91 -32.57 -21.93
C GLN A 443 -24.42 -32.82 -23.36
N ILE A 444 -25.20 -33.44 -24.24
CA ILE A 444 -24.73 -33.76 -25.60
C ILE A 444 -24.48 -32.50 -26.42
N LEU A 445 -25.39 -31.53 -26.42
CA LEU A 445 -25.16 -30.28 -27.15
C LEU A 445 -23.96 -29.50 -26.59
N VAL A 446 -23.84 -29.37 -25.27
CA VAL A 446 -22.76 -28.61 -24.64
C VAL A 446 -21.42 -29.32 -24.80
N PHE A 447 -21.40 -30.65 -24.78
CA PHE A 447 -20.23 -31.42 -25.18
C PHE A 447 -19.87 -31.19 -26.65
N VAL A 448 -20.83 -31.19 -27.57
CA VAL A 448 -20.55 -30.87 -28.98
C VAL A 448 -19.97 -29.47 -29.14
N LEU A 449 -20.55 -28.46 -28.48
CA LEU A 449 -20.04 -27.10 -28.47
C LEU A 449 -18.61 -27.03 -27.91
N LEU A 450 -18.41 -27.54 -26.70
CA LEU A 450 -17.14 -27.50 -25.99
C LEU A 450 -16.05 -28.27 -26.71
N TYR A 451 -16.35 -29.48 -27.17
CA TYR A 451 -15.27 -30.30 -27.78
C TYR A 451 -15.02 -29.90 -29.25
N SER A 452 -16.04 -29.44 -29.98
CA SER A 452 -15.77 -28.95 -31.34
C SER A 452 -14.95 -27.67 -31.27
N SER A 453 -15.30 -26.73 -30.40
CA SER A 453 -14.48 -25.55 -30.21
C SER A 453 -13.11 -25.88 -29.62
N LEU A 454 -12.98 -26.90 -28.77
CA LEU A 454 -11.68 -27.32 -28.25
C LEU A 454 -10.78 -27.90 -29.34
N TYR A 455 -11.28 -28.88 -30.11
CA TYR A 455 -10.49 -29.42 -31.25
C TYR A 455 -10.17 -28.28 -32.21
N SER A 456 -11.11 -27.35 -32.41
CA SER A 456 -10.90 -26.18 -33.25
C SER A 456 -9.75 -25.32 -32.76
N THR A 457 -9.52 -25.11 -31.46
CA THR A 457 -8.32 -24.38 -30.99
C THR A 457 -7.03 -25.08 -31.36
N TYR A 458 -7.02 -26.42 -31.33
CA TYR A 458 -5.86 -27.19 -31.76
C TYR A 458 -5.64 -27.00 -33.26
N LEU A 459 -6.64 -27.32 -34.09
CA LEU A 459 -6.55 -27.12 -35.53
C LEU A 459 -6.29 -25.68 -35.94
N TRP A 460 -6.75 -24.67 -35.20
CA TRP A 460 -6.39 -23.28 -35.45
C TRP A 460 -4.95 -22.93 -35.10
N THR A 461 -4.31 -23.59 -34.14
CA THR A 461 -2.87 -23.46 -33.94
C THR A 461 -2.12 -23.99 -35.17
N GLY A 462 -2.56 -25.12 -35.72
CA GLY A 462 -2.05 -25.65 -36.98
C GLY A 462 -2.26 -24.70 -38.16
N LEU A 463 -3.51 -24.30 -38.41
CA LEU A 463 -3.88 -23.47 -39.55
C LEU A 463 -3.29 -22.06 -39.48
N LEU A 464 -3.19 -21.46 -38.29
CA LEU A 464 -2.50 -20.19 -38.12
C LEU A 464 -1.01 -20.33 -38.44
N ALA A 465 -0.33 -21.36 -37.95
CA ALA A 465 1.08 -21.60 -38.25
C ALA A 465 1.33 -21.88 -39.74
N ILE A 466 0.43 -22.62 -40.39
CA ILE A 466 0.34 -22.74 -41.85
C ILE A 466 0.23 -21.37 -42.51
N SER A 467 -0.67 -20.49 -42.08
CA SER A 467 -0.83 -19.19 -42.74
C SER A 467 0.42 -18.32 -42.60
N LEU A 468 1.14 -18.40 -41.48
CA LEU A 468 2.42 -17.71 -41.32
C LEU A 468 3.46 -18.28 -42.30
N PHE A 469 3.47 -19.60 -42.50
CA PHE A 469 4.36 -20.18 -43.52
C PHE A 469 3.98 -19.72 -44.93
N LEU A 470 2.69 -19.63 -45.22
CA LEU A 470 2.26 -19.24 -46.55
C LEU A 470 2.39 -17.73 -46.79
N LEU A 471 2.29 -16.89 -45.74
CA LEU A 471 2.53 -15.44 -45.83
C LEU A 471 4.01 -15.10 -45.98
N LYS A 472 4.89 -15.70 -45.18
CA LYS A 472 6.32 -15.38 -45.26
C LYS A 472 6.95 -15.94 -46.51
N LYS A 473 6.63 -17.16 -46.90
CA LYS A 473 7.29 -17.83 -48.02
C LYS A 473 6.51 -17.74 -49.34
N ARG A 474 5.23 -18.13 -49.33
CA ARG A 474 4.43 -18.14 -50.56
C ARG A 474 3.68 -16.80 -50.72
N GLU A 475 4.45 -15.72 -50.85
CA GLU A 475 3.83 -14.40 -50.97
C GLU A 475 2.98 -14.30 -52.23
N ARG A 476 3.47 -14.83 -53.35
CA ARG A 476 2.71 -14.79 -54.60
C ARG A 476 1.43 -15.62 -54.51
N VAL A 477 1.50 -16.79 -53.89
CA VAL A 477 0.33 -17.68 -53.81
C VAL A 477 -0.72 -17.08 -52.88
N GLN A 478 -1.98 -17.11 -53.31
CA GLN A 478 -3.08 -16.66 -52.47
C GLN A 478 -3.37 -17.69 -51.38
N ILE A 479 -3.74 -17.25 -50.18
CA ILE A 479 -4.12 -18.15 -49.08
C ILE A 479 -5.63 -18.36 -49.18
N PRO A 480 -6.12 -19.61 -49.22
CA PRO A 480 -7.58 -19.84 -49.32
C PRO A 480 -8.29 -19.63 -48.00
N VAL A 481 -8.69 -18.39 -47.74
CA VAL A 481 -9.36 -17.99 -46.49
C VAL A 481 -10.63 -18.80 -46.25
N GLY A 482 -11.41 -19.06 -47.30
CA GLY A 482 -12.60 -19.88 -47.15
C GLY A 482 -12.29 -21.32 -46.75
N ILE A 483 -11.33 -21.94 -47.44
CA ILE A 483 -11.00 -23.32 -47.12
C ILE A 483 -10.38 -23.41 -45.73
N ILE A 484 -9.56 -22.45 -45.33
CA ILE A 484 -8.96 -22.41 -43.99
C ILE A 484 -10.04 -22.20 -42.91
N ILE A 485 -11.02 -21.31 -43.10
CA ILE A 485 -12.10 -21.12 -42.11
C ILE A 485 -13.03 -22.35 -42.09
N ILE A 486 -13.26 -22.99 -43.23
CA ILE A 486 -14.02 -24.23 -43.29
C ILE A 486 -13.29 -25.34 -42.56
N SER A 487 -11.99 -25.52 -42.78
CA SER A 487 -11.24 -26.58 -42.12
C SER A 487 -11.10 -26.32 -40.62
N GLY A 488 -10.83 -25.09 -40.20
CA GLY A 488 -10.65 -24.76 -38.80
C GLY A 488 -11.90 -24.90 -37.93
N TRP A 489 -13.09 -24.98 -38.54
CA TRP A 489 -14.37 -25.14 -37.83
C TRP A 489 -15.13 -26.41 -38.20
N GLY A 490 -15.06 -26.84 -39.46
CA GLY A 490 -15.72 -28.05 -39.90
C GLY A 490 -14.99 -29.32 -39.53
N ILE A 491 -13.66 -29.38 -39.64
CA ILE A 491 -12.89 -30.59 -39.27
C ILE A 491 -13.05 -30.91 -37.77
N PRO A 492 -12.99 -29.95 -36.85
CA PRO A 492 -13.37 -30.17 -35.45
C PRO A 492 -14.78 -30.71 -35.26
N ALA A 493 -15.76 -30.14 -35.97
CA ALA A 493 -17.14 -30.62 -35.89
C ALA A 493 -17.29 -32.00 -36.55
N LEU A 494 -16.54 -32.30 -37.61
CA LEU A 494 -16.48 -33.66 -38.16
C LEU A 494 -15.94 -34.64 -37.12
N LEU A 495 -14.84 -34.32 -36.45
CA LEU A 495 -14.23 -35.16 -35.41
C LEU A 495 -15.19 -35.41 -34.24
N VAL A 496 -15.91 -34.38 -33.81
CA VAL A 496 -16.93 -34.48 -32.75
C VAL A 496 -18.15 -35.29 -33.19
N GLY A 497 -18.62 -35.14 -34.43
CA GLY A 497 -19.65 -36.00 -34.99
C GLY A 497 -19.21 -37.46 -35.02
N VAL A 498 -18.02 -37.73 -35.57
CA VAL A 498 -17.43 -39.07 -35.60
C VAL A 498 -17.37 -39.68 -34.20
N LEU A 499 -17.01 -38.90 -33.19
CA LEU A 499 -16.94 -39.36 -31.82
C LEU A 499 -18.32 -39.66 -31.22
N LEU A 500 -19.33 -38.80 -31.42
CA LEU A 500 -20.70 -39.13 -31.03
C LEU A 500 -21.23 -40.38 -31.73
N ILE A 501 -20.75 -40.70 -32.94
CA ILE A 501 -21.22 -41.86 -33.68
C ILE A 501 -20.53 -43.13 -33.19
N THR A 502 -19.21 -43.10 -33.11
CA THR A 502 -18.37 -44.30 -32.95
C THR A 502 -18.12 -44.66 -31.49
N GLY A 503 -18.35 -43.72 -30.57
CA GLY A 503 -18.11 -43.92 -29.15
C GLY A 503 -19.35 -44.35 -28.36
N LYS A 504 -19.14 -44.74 -27.10
CA LYS A 504 -20.18 -45.02 -26.12
C LYS A 504 -20.25 -43.92 -25.05
N HIS A 505 -21.45 -43.44 -24.74
CA HIS A 505 -21.67 -42.39 -23.73
C HIS A 505 -21.17 -42.84 -22.36
N ASN A 506 -20.10 -42.21 -21.86
CA ASN A 506 -19.52 -42.49 -20.55
C ASN A 506 -20.17 -41.66 -19.45
N GLY A 507 -21.51 -41.68 -19.40
CA GLY A 507 -22.34 -40.83 -18.54
C GLY A 507 -22.13 -41.01 -17.03
N ASP A 508 -21.42 -42.06 -16.62
CA ASP A 508 -20.98 -42.22 -15.24
C ASP A 508 -19.88 -41.24 -14.86
N SER A 509 -19.35 -40.45 -15.79
CA SER A 509 -18.23 -39.52 -15.57
C SER A 509 -18.68 -38.05 -15.54
N ILE A 510 -18.16 -37.28 -14.60
CA ILE A 510 -18.43 -35.84 -14.45
C ILE A 510 -17.61 -35.03 -15.48
N ASP A 511 -16.39 -35.47 -15.75
CA ASP A 511 -15.41 -34.70 -16.49
C ASP A 511 -15.70 -34.66 -17.98
N SER A 512 -15.78 -33.46 -18.56
CA SER A 512 -15.94 -33.32 -20.01
C SER A 512 -14.81 -34.06 -20.74
N ALA A 513 -13.58 -34.03 -20.24
CA ALA A 513 -12.42 -34.73 -20.79
C ALA A 513 -12.47 -36.26 -20.69
N PHE A 514 -13.62 -36.84 -20.33
CA PHE A 514 -13.85 -38.27 -20.25
C PHE A 514 -15.30 -38.67 -20.55
N PHE A 515 -16.17 -37.71 -20.93
CA PHE A 515 -17.60 -37.94 -21.21
C PHE A 515 -17.87 -38.93 -22.36
N TYR A 516 -16.94 -39.09 -23.30
CA TYR A 516 -16.95 -40.17 -24.30
C TYR A 516 -15.68 -41.03 -24.20
N GLY A 517 -15.24 -41.30 -22.97
CA GLY A 517 -14.33 -42.39 -22.65
C GLY A 517 -12.95 -42.33 -23.31
N LYS A 518 -12.39 -43.51 -23.57
CA LYS A 518 -11.09 -43.70 -24.22
C LYS A 518 -11.07 -43.18 -25.65
N GLU A 519 -12.13 -43.35 -26.42
CA GLU A 519 -12.21 -42.81 -27.78
C GLU A 519 -12.24 -41.28 -27.82
N GLN A 520 -12.69 -40.59 -26.77
CA GLN A 520 -12.50 -39.16 -26.68
C GLN A 520 -11.03 -38.77 -26.44
N MET A 521 -10.29 -39.44 -25.55
CA MET A 521 -8.87 -39.16 -25.41
C MET A 521 -8.10 -39.57 -26.67
N ILE A 522 -8.48 -40.63 -27.37
CA ILE A 522 -7.88 -40.98 -28.69
C ILE A 522 -8.16 -39.88 -29.71
N THR A 523 -9.39 -39.37 -29.79
CA THR A 523 -9.74 -38.31 -30.74
C THR A 523 -8.99 -37.02 -30.41
N THR A 524 -8.95 -36.64 -29.14
CA THR A 524 -8.20 -35.49 -28.62
C THR A 524 -6.72 -35.62 -28.98
N ALA A 525 -6.11 -36.76 -28.69
CA ALA A 525 -4.70 -37.04 -28.97
C ALA A 525 -4.39 -37.03 -30.48
N VAL A 526 -5.23 -37.64 -31.31
CA VAL A 526 -5.08 -37.59 -32.78
C VAL A 526 -5.21 -36.16 -33.30
N THR A 527 -6.10 -35.34 -32.74
CA THR A 527 -6.25 -33.94 -33.14
C THR A 527 -5.04 -33.10 -32.73
N LEU A 528 -4.54 -33.31 -31.52
CA LEU A 528 -3.30 -32.71 -31.05
C LEU A 528 -2.12 -33.13 -31.93
N PHE A 529 -1.98 -34.41 -32.27
CA PHE A 529 -0.90 -34.86 -33.13
C PHE A 529 -0.99 -34.29 -34.55
N CYS A 530 -2.18 -34.23 -35.15
CA CYS A 530 -2.40 -33.53 -36.41
C CYS A 530 -1.97 -32.07 -36.33
N SER A 531 -2.41 -31.36 -35.30
CA SER A 531 -2.05 -29.96 -35.12
C SER A 531 -0.56 -29.75 -34.86
N ILE A 532 0.09 -30.54 -34.02
CA ILE A 532 1.52 -30.41 -33.75
C ILE A 532 2.34 -30.78 -34.97
N LEU A 533 1.93 -31.79 -35.77
CA LEU A 533 2.52 -32.04 -37.09
C LEU A 533 2.44 -30.78 -37.94
N ILE A 534 1.23 -30.28 -38.20
CA ILE A 534 0.98 -29.15 -39.08
C ILE A 534 1.75 -27.90 -38.62
N ALA A 535 1.73 -27.61 -37.32
CA ALA A 535 2.35 -26.42 -36.76
C ALA A 535 3.88 -26.54 -36.65
N GLY A 536 4.40 -27.72 -36.35
CA GLY A 536 5.84 -27.97 -36.36
C GLY A 536 6.41 -27.93 -37.78
N ILE A 537 5.76 -28.60 -38.73
CA ILE A 537 6.12 -28.57 -40.16
C ILE A 537 6.16 -27.12 -40.65
N SER A 538 5.10 -26.36 -40.39
CA SER A 538 4.97 -25.02 -40.93
C SER A 538 5.91 -24.02 -40.26
N LEU A 539 6.07 -23.99 -38.93
CA LEU A 539 7.04 -23.06 -38.33
C LEU A 539 8.49 -23.42 -38.67
N MET A 540 8.80 -24.70 -38.91
CA MET A 540 10.10 -25.09 -39.44
C MET A 540 10.31 -24.56 -40.84
N CYS A 541 9.36 -24.84 -41.75
CA CYS A 541 9.51 -24.37 -43.12
C CYS A 541 9.45 -22.86 -43.22
N MET A 542 8.81 -22.18 -42.28
CA MET A 542 8.83 -20.72 -42.21
C MET A 542 10.22 -20.21 -41.84
N ASN A 543 10.89 -20.81 -40.86
CA ASN A 543 12.26 -20.41 -40.54
C ASN A 543 13.19 -20.69 -41.72
N GLN A 544 12.96 -21.78 -42.44
CA GLN A 544 13.61 -22.02 -43.73
C GLN A 544 13.05 -21.03 -44.75
N GLN A 654 2.62 -7.80 -35.07
CA GLN A 654 2.38 -8.48 -36.32
C GLN A 654 3.05 -9.87 -36.33
N LEU A 655 3.97 -10.16 -37.25
CA LEU A 655 4.37 -11.55 -37.54
C LEU A 655 5.05 -12.22 -36.35
N THR A 656 5.92 -11.51 -35.64
CA THR A 656 6.60 -12.00 -34.43
C THR A 656 5.63 -12.37 -33.32
N ARG A 657 4.56 -11.60 -33.10
CA ARG A 657 3.51 -11.95 -32.13
C ARG A 657 2.76 -13.21 -32.52
N HIS A 658 2.39 -13.35 -33.78
CA HIS A 658 1.70 -14.54 -34.25
C HIS A 658 2.56 -15.80 -34.24
N VAL A 659 3.84 -15.69 -34.60
CA VAL A 659 4.81 -16.80 -34.47
C VAL A 659 4.98 -17.18 -33.02
N LEU A 660 5.15 -16.21 -32.12
CA LEU A 660 5.29 -16.47 -30.70
C LEU A 660 4.04 -17.14 -30.13
N LEU A 661 2.85 -16.69 -30.52
CA LEU A 661 1.61 -17.33 -30.13
C LEU A 661 1.58 -18.77 -30.61
N CYS A 662 1.87 -19.03 -31.87
CA CYS A 662 1.89 -20.39 -32.37
C CYS A 662 2.90 -21.25 -31.63
N LEU A 663 4.08 -20.76 -31.30
CA LEU A 663 5.06 -21.50 -30.49
C LEU A 663 4.55 -21.79 -29.08
N LEU A 664 4.03 -20.82 -28.35
CA LEU A 664 3.51 -21.04 -27.00
C LEU A 664 2.33 -22.01 -26.99
N LEU A 665 1.43 -21.90 -27.97
CA LEU A 665 0.35 -22.84 -28.14
C LEU A 665 0.85 -24.22 -28.56
N ILE A 666 1.82 -24.37 -29.48
CA ILE A 666 2.49 -25.65 -29.80
C ILE A 666 3.08 -26.30 -28.56
N ILE A 667 3.79 -25.55 -27.71
CA ILE A 667 4.31 -26.03 -26.43
C ILE A 667 3.17 -26.56 -25.56
N GLY A 668 2.07 -25.83 -25.47
CA GLY A 668 0.88 -26.27 -24.77
C GLY A 668 0.26 -27.52 -25.38
N LEU A 669 0.15 -27.59 -26.71
CA LEU A 669 -0.35 -28.77 -27.39
C LEU A 669 0.55 -29.97 -27.16
N PHE A 670 1.87 -29.80 -27.09
CA PHE A 670 2.78 -30.88 -26.78
C PHE A 670 2.65 -31.35 -25.31
N ALA A 671 2.41 -30.44 -24.36
CA ALA A 671 2.07 -30.79 -22.98
C ALA A 671 0.74 -31.55 -22.90
N ASN A 672 -0.26 -31.14 -23.68
CA ASN A 672 -1.54 -31.83 -23.76
C ASN A 672 -1.44 -33.16 -24.48
N LEU A 673 -0.67 -33.26 -25.56
CA LEU A 673 -0.47 -34.49 -26.31
C LEU A 673 0.24 -35.50 -25.41
N SER A 674 1.37 -35.12 -24.81
CA SER A 674 2.10 -36.03 -23.92
C SER A 674 1.25 -36.45 -22.73
N SER A 675 0.52 -35.55 -22.10
CA SER A 675 -0.45 -35.90 -21.04
C SER A 675 -1.57 -36.84 -21.54
N CYS A 676 -2.16 -36.62 -22.71
CA CYS A 676 -3.20 -37.48 -23.27
C CYS A 676 -2.65 -38.84 -23.73
N LEU A 677 -1.47 -38.91 -24.33
CA LEU A 677 -0.84 -40.20 -24.67
C LEU A 677 -0.49 -40.99 -23.42
N ARG A 678 0.01 -40.32 -22.39
CA ARG A 678 0.35 -40.92 -21.11
C ARG A 678 -0.91 -41.44 -20.41
N TRP A 679 -2.04 -40.73 -20.50
CA TRP A 679 -3.34 -41.20 -20.03
C TRP A 679 -3.79 -42.45 -20.80
N LEU A 680 -3.67 -42.45 -22.12
CA LEU A 680 -4.02 -43.58 -22.98
C LEU A 680 -3.14 -44.81 -22.76
N PHE A 681 -1.86 -44.64 -22.40
CA PHE A 681 -0.97 -45.78 -22.21
C PHE A 681 -1.06 -46.40 -20.83
N ASN A 682 -1.61 -45.69 -19.85
CA ASN A 682 -1.61 -46.20 -18.48
C ASN A 682 -2.79 -47.15 -18.30
N GLN A 683 -2.50 -48.45 -18.25
CA GLN A 683 -3.49 -49.51 -18.08
C GLN A 683 -3.83 -49.74 -16.60
N GLU A 684 -2.86 -49.54 -15.70
CA GLU A 684 -3.10 -49.73 -14.27
C GLU A 684 -3.91 -48.55 -13.73
N PRO A 685 -4.93 -48.80 -12.91
CA PRO A 685 -5.74 -47.69 -12.37
C PRO A 685 -4.92 -46.77 -11.47
N GLY A 686 -5.42 -45.55 -11.31
CA GLY A 686 -4.80 -44.62 -10.39
C GLY A 686 -5.44 -43.25 -10.44
N ARG A 687 -5.02 -42.43 -9.48
CA ARG A 687 -5.31 -41.00 -9.49
C ARG A 687 -4.59 -40.29 -10.64
N LEU A 688 -3.60 -40.94 -11.24
CA LEU A 688 -2.86 -40.35 -12.35
C LEU A 688 -3.77 -39.91 -13.49
N TYR A 689 -4.87 -40.64 -13.70
CA TYR A 689 -5.83 -40.24 -14.72
C TYR A 689 -6.33 -38.82 -14.48
N VAL A 690 -6.87 -38.54 -13.29
CA VAL A 690 -7.44 -37.22 -12.98
C VAL A 690 -6.36 -36.15 -12.86
N GLU A 691 -5.12 -36.51 -12.55
CA GLU A 691 -3.98 -35.58 -12.66
C GLU A 691 -3.74 -35.18 -14.11
N LEU A 692 -3.74 -36.12 -15.03
CA LEU A 692 -3.46 -35.85 -16.44
C LEU A 692 -4.62 -35.12 -17.10
N GLN A 693 -5.86 -35.43 -16.72
CA GLN A 693 -7.03 -34.65 -17.11
C GLN A 693 -6.95 -33.23 -16.58
N PHE A 694 -6.43 -33.01 -15.38
CA PHE A 694 -6.20 -31.65 -14.87
C PHE A 694 -5.12 -30.93 -15.68
N PHE A 695 -4.01 -31.58 -16.03
CA PHE A 695 -2.99 -30.98 -16.89
C PHE A 695 -3.55 -30.58 -18.26
N CYS A 696 -4.39 -31.43 -18.86
CA CYS A 696 -5.03 -31.10 -20.13
C CYS A 696 -5.98 -29.92 -19.97
N ALA A 697 -6.88 -29.98 -18.99
CA ALA A 697 -7.85 -28.94 -18.69
C ALA A 697 -7.22 -27.57 -18.44
N VAL A 698 -6.06 -27.51 -17.80
CA VAL A 698 -5.40 -26.24 -17.54
C VAL A 698 -5.04 -25.55 -18.86
N PHE A 699 -4.51 -26.28 -19.83
CA PHE A 699 -4.25 -25.70 -21.14
C PHE A 699 -5.52 -25.50 -21.95
N ASN A 700 -6.44 -26.48 -22.00
CA ASN A 700 -7.70 -26.35 -22.75
C ASN A 700 -8.42 -25.04 -22.45
N PHE A 701 -8.57 -24.72 -21.16
CA PHE A 701 -9.36 -23.59 -20.68
C PHE A 701 -8.51 -22.36 -20.35
N GLY A 702 -7.24 -22.54 -20.00
CA GLY A 702 -6.29 -21.47 -19.73
C GLY A 702 -5.59 -20.91 -20.96
N GLN A 703 -5.62 -21.56 -22.13
CA GLN A 703 -4.97 -21.02 -23.34
C GLN A 703 -5.47 -19.64 -23.79
N GLY A 704 -6.66 -19.22 -23.36
CA GLY A 704 -7.11 -17.84 -23.55
C GLY A 704 -6.18 -16.79 -22.91
N PHE A 705 -5.39 -17.17 -21.92
CA PHE A 705 -4.38 -16.31 -21.33
C PHE A 705 -3.12 -16.15 -22.19
N ILE A 706 -2.78 -17.11 -23.05
CA ILE A 706 -1.67 -16.97 -24.01
C ILE A 706 -2.06 -15.95 -25.07
N SER A 707 -3.27 -16.04 -25.59
CA SER A 707 -3.79 -15.11 -26.58
C SER A 707 -4.16 -13.74 -26.00
N PHE A 708 -4.62 -13.66 -24.76
CA PHE A 708 -4.68 -12.40 -24.03
C PHE A 708 -3.30 -11.78 -23.82
N GLY A 709 -2.32 -12.57 -23.39
CA GLY A 709 -1.00 -12.05 -23.16
C GLY A 709 -0.37 -11.47 -24.42
N ILE A 710 -0.53 -12.15 -25.56
CA ILE A 710 0.03 -11.68 -26.83
C ILE A 710 -0.81 -10.59 -27.49
N PHE A 711 -2.13 -10.71 -27.57
CA PHE A 711 -2.99 -9.78 -28.32
C PHE A 711 -3.87 -8.87 -27.49
N GLY A 712 -4.24 -9.24 -26.28
CA GLY A 712 -4.99 -8.37 -25.37
C GLY A 712 -4.12 -7.23 -24.81
N LEU A 713 -2.82 -7.46 -24.69
CA LEU A 713 -1.81 -6.49 -24.24
C LEU A 713 -0.85 -6.02 -25.35
N ASP A 714 -1.18 -6.23 -26.62
CA ASP A 714 -0.39 -5.69 -27.73
C ASP A 714 -0.42 -4.16 -27.73
N LYS A 715 0.73 -3.52 -27.51
CA LYS A 715 0.85 -2.07 -27.52
C LYS A 715 0.52 -1.43 -28.87
N HIS A 716 0.55 -2.19 -29.96
CA HIS A 716 0.10 -1.74 -31.27
C HIS A 716 -1.43 -1.53 -31.34
N LEU A 717 -2.23 -2.10 -30.43
CA LEU A 717 -3.66 -1.84 -30.39
C LEU A 717 -4.09 -1.26 -29.04
N PRO B 34 -22.69 3.44 27.51
CA PRO B 34 -21.76 2.69 26.63
C PRO B 34 -20.51 3.49 26.29
N PRO B 35 -19.36 2.84 26.00
CA PRO B 35 -18.09 3.52 25.76
C PRO B 35 -18.12 4.53 24.61
N SER B 36 -18.94 4.28 23.59
CA SER B 36 -19.17 5.07 22.38
C SER B 36 -17.96 5.18 21.44
N MET B 37 -16.78 5.50 21.93
CA MET B 37 -15.52 5.49 21.18
C MET B 37 -14.48 4.71 21.95
N SER B 38 -13.75 3.82 21.28
CA SER B 38 -12.53 3.24 21.86
C SER B 38 -11.43 4.29 21.78
N ILE B 39 -11.51 5.29 22.66
CA ILE B 39 -10.70 6.49 22.60
C ILE B 39 -9.21 6.23 22.84
N THR B 40 -8.87 5.18 23.57
CA THR B 40 -7.48 4.74 23.77
C THR B 40 -6.84 4.19 22.50
N ARG B 41 -7.66 3.85 21.49
CA ARG B 41 -7.09 3.39 20.18
C ARG B 41 -6.77 4.60 19.27
N LEU B 42 -7.20 5.81 19.65
CA LEU B 42 -6.99 7.00 18.83
C LEU B 42 -5.53 7.43 18.75
N PHE B 43 -4.79 7.49 19.86
CA PHE B 43 -3.41 7.96 19.79
C PHE B 43 -2.55 7.04 18.92
N PRO B 44 -2.59 5.70 19.07
CA PRO B 44 -1.90 4.85 18.10
C PRO B 44 -2.33 5.08 16.66
N ALA B 45 -3.60 5.39 16.42
CA ALA B 45 -4.06 5.62 15.06
C ALA B 45 -3.56 6.95 14.51
N LEU B 46 -3.52 8.00 15.33
CA LEU B 46 -2.91 9.26 14.91
C LEU B 46 -1.42 9.04 14.65
N LEU B 47 -0.71 8.30 15.50
CA LEU B 47 0.69 8.01 15.25
C LEU B 47 0.89 7.17 14.00
N GLU B 48 0.01 6.22 13.68
CA GLU B 48 0.09 5.53 12.39
C GLU B 48 -0.04 6.51 11.25
N CYS B 49 -1.12 7.27 11.24
CA CYS B 49 -1.47 8.06 10.09
C CYS B 49 -0.51 9.22 9.89
N PHE B 50 -0.27 9.99 10.94
CA PHE B 50 0.66 11.09 10.87
C PHE B 50 2.12 10.65 10.92
N GLY B 51 2.45 9.47 11.44
CA GLY B 51 3.82 8.98 11.34
C GLY B 51 4.16 8.56 9.94
N ILE B 52 3.20 8.00 9.19
CA ILE B 52 3.39 7.70 7.78
C ILE B 52 3.43 8.99 6.95
N VAL B 53 2.66 10.01 7.30
CA VAL B 53 2.80 11.36 6.70
C VAL B 53 4.19 11.95 7.01
N LEU B 54 4.68 11.82 8.24
CA LEU B 54 6.01 12.25 8.64
C LEU B 54 7.12 11.47 7.92
N CYS B 55 6.94 10.16 7.68
CA CYS B 55 7.85 9.39 6.84
C CYS B 55 7.89 9.91 5.41
N GLY B 56 6.74 10.13 4.80
CA GLY B 56 6.72 10.70 3.45
C GLY B 56 7.41 12.04 3.39
N TYR B 57 7.18 12.86 4.42
CA TYR B 57 7.82 14.20 4.48
C TYR B 57 9.34 14.03 4.59
N ILE B 58 9.81 13.27 5.58
CA ILE B 58 11.24 13.03 5.78
C ILE B 58 11.87 12.46 4.51
N ALA B 59 11.18 11.57 3.79
CA ALA B 59 11.71 10.98 2.57
C ALA B 59 11.82 12.02 1.46
N GLY B 60 10.79 12.85 1.28
CA GLY B 60 10.85 13.87 0.24
C GLY B 60 11.84 14.96 0.54
N ARG B 61 11.93 15.35 1.82
CA ARG B 61 12.91 16.39 2.25
C ARG B 61 14.32 15.85 1.96
N ALA B 62 14.57 14.60 2.32
CA ALA B 62 15.87 13.98 2.10
C ALA B 62 16.15 13.70 0.63
N ASN B 63 15.17 13.92 -0.25
CA ASN B 63 15.23 13.53 -1.66
C ASN B 63 15.57 12.04 -1.81
N VAL B 64 15.01 11.22 -0.93
CA VAL B 64 14.89 9.80 -1.22
C VAL B 64 13.92 9.59 -2.38
N ILE B 65 12.86 10.40 -2.43
CA ILE B 65 11.88 10.38 -3.49
C ILE B 65 11.70 11.81 -3.97
N THR B 66 12.16 12.09 -5.19
CA THR B 66 12.03 13.45 -5.72
C THR B 66 10.58 13.71 -6.12
N SER B 67 10.26 14.97 -6.36
CA SER B 67 8.89 15.33 -6.70
C SER B 67 8.45 14.68 -7.99
N THR B 68 9.38 14.47 -8.93
CA THR B 68 9.05 13.75 -10.15
C THR B 68 8.69 12.30 -9.83
N GLN B 69 9.48 11.65 -8.98
CA GLN B 69 9.20 10.27 -8.58
C GLN B 69 7.93 10.16 -7.76
N ALA B 70 7.61 11.19 -6.96
CA ALA B 70 6.44 11.13 -6.09
C ALA B 70 5.15 10.94 -6.87
N LYS B 71 5.08 11.45 -8.10
CA LYS B 71 3.91 11.31 -8.97
C LYS B 71 3.60 9.85 -9.28
N GLY B 72 4.58 8.94 -9.21
CA GLY B 72 4.29 7.53 -9.41
C GLY B 72 3.51 6.94 -8.24
N LEU B 73 3.91 7.26 -7.02
CA LEU B 73 3.13 6.88 -5.85
C LEU B 73 1.76 7.54 -5.88
N GLY B 74 1.70 8.80 -6.31
CA GLY B 74 0.42 9.49 -6.37
C GLY B 74 -0.53 8.90 -7.39
N ASN B 75 -0.02 8.56 -8.58
CA ASN B 75 -0.86 7.97 -9.61
C ASN B 75 -1.30 6.57 -9.22
N PHE B 76 -0.46 5.79 -8.53
CA PHE B 76 -0.89 4.53 -7.94
C PHE B 76 -2.00 4.75 -6.92
N VAL B 77 -1.79 5.65 -5.95
CA VAL B 77 -2.75 5.99 -4.92
C VAL B 77 -4.08 6.42 -5.51
N SER B 78 -4.08 7.45 -6.36
CA SER B 78 -5.30 8.09 -6.82
C SER B 78 -5.99 7.33 -7.95
N ARG B 79 -5.26 6.59 -8.80
CA ARG B 79 -5.83 5.90 -9.96
C ARG B 79 -5.94 4.39 -9.83
N PHE B 80 -5.35 3.76 -8.83
CA PHE B 80 -5.42 2.31 -8.64
C PHE B 80 -5.86 1.89 -7.24
N ALA B 81 -5.17 2.35 -6.20
CA ALA B 81 -5.48 1.93 -4.83
C ALA B 81 -6.79 2.53 -4.32
N LEU B 82 -6.98 3.85 -4.43
CA LEU B 82 -8.22 4.51 -4.01
C LEU B 82 -9.45 4.01 -4.79
N PRO B 83 -9.43 3.91 -6.12
CA PRO B 83 -10.61 3.46 -6.85
C PRO B 83 -10.98 2.00 -6.53
N ALA B 84 -10.00 1.13 -6.25
CA ALA B 84 -10.28 -0.21 -5.76
C ALA B 84 -10.88 -0.23 -4.35
N LEU B 85 -10.39 0.61 -3.46
CA LEU B 85 -10.93 0.77 -2.11
C LEU B 85 -12.38 1.26 -2.18
N LEU B 86 -12.65 2.26 -3.00
CA LEU B 86 -14.00 2.79 -3.21
C LEU B 86 -14.93 1.72 -3.76
N PHE B 87 -14.55 1.04 -4.84
CA PHE B 87 -15.39 0.00 -5.45
C PHE B 87 -15.73 -1.08 -4.44
N LYS B 88 -14.72 -1.58 -3.71
CA LYS B 88 -14.87 -2.64 -2.70
C LYS B 88 -15.92 -2.23 -1.68
N ASN B 89 -15.75 -1.08 -1.06
CA ASN B 89 -16.64 -0.69 0.03
C ASN B 89 -18.02 -0.30 -0.49
N MET B 90 -18.11 0.24 -1.70
CA MET B 90 -19.40 0.60 -2.28
C MET B 90 -20.21 -0.64 -2.67
N VAL B 91 -19.54 -1.67 -3.18
CA VAL B 91 -20.24 -2.89 -3.53
C VAL B 91 -20.74 -3.60 -2.27
N VAL B 92 -19.94 -3.56 -1.20
CA VAL B 92 -20.31 -4.26 0.03
C VAL B 92 -21.42 -3.56 0.82
N LEU B 93 -21.69 -2.29 0.53
CA LEU B 93 -22.47 -1.44 1.41
C LEU B 93 -23.95 -1.84 1.44
N ASN B 94 -24.49 -2.00 2.66
CA ASN B 94 -25.91 -2.25 2.86
C ASN B 94 -26.61 -0.89 2.95
N PHE B 95 -27.24 -0.47 1.85
CA PHE B 95 -27.80 0.88 1.80
C PHE B 95 -29.03 1.02 2.68
N SER B 96 -29.76 -0.07 2.92
CA SER B 96 -30.91 0.02 3.81
C SER B 96 -30.51 0.15 5.28
N ASN B 97 -29.24 -0.11 5.59
CA ASN B 97 -28.66 0.03 6.92
C ASN B 97 -28.11 1.43 7.19
N VAL B 98 -28.20 2.34 6.22
CA VAL B 98 -27.61 3.67 6.33
C VAL B 98 -28.56 4.60 7.08
N ASP B 99 -27.99 5.48 7.90
CA ASP B 99 -28.79 6.58 8.45
C ASP B 99 -28.70 7.73 7.46
N TRP B 100 -29.77 7.90 6.68
CA TRP B 100 -29.76 8.91 5.63
C TRP B 100 -29.81 10.31 6.19
N SER B 101 -30.44 10.50 7.35
CA SER B 101 -30.47 11.82 7.96
C SER B 101 -29.08 12.24 8.43
N PHE B 102 -28.26 11.33 8.94
CA PHE B 102 -26.86 11.60 9.27
C PHE B 102 -26.07 12.03 8.03
N LEU B 103 -26.25 11.35 6.90
CA LEU B 103 -25.63 11.77 5.65
C LEU B 103 -26.09 13.16 5.25
N TYR B 104 -27.41 13.35 5.20
CA TYR B 104 -27.97 14.64 4.79
C TYR B 104 -27.40 15.75 5.66
N SER B 105 -27.27 15.51 6.96
CA SER B 105 -26.83 16.57 7.85
C SER B 105 -25.35 16.88 7.69
N ILE B 106 -24.48 15.87 7.49
CA ILE B 106 -23.06 16.13 7.18
C ILE B 106 -22.91 16.81 5.82
N LEU B 107 -23.78 16.48 4.86
CA LEU B 107 -23.72 17.11 3.55
C LEU B 107 -24.30 18.52 3.59
N ILE B 108 -25.30 18.75 4.43
CA ILE B 108 -25.87 20.08 4.60
C ILE B 108 -24.91 20.97 5.37
N ALA B 109 -24.15 20.42 6.31
CA ALA B 109 -23.06 21.12 7.00
C ALA B 109 -21.92 21.47 6.03
N LYS B 110 -21.47 20.55 5.17
CA LYS B 110 -20.50 20.86 4.12
C LYS B 110 -21.05 21.83 3.07
N ALA B 111 -22.27 21.65 2.58
CA ALA B 111 -22.91 22.59 1.65
C ALA B 111 -23.10 23.99 2.26
N SER B 112 -23.40 24.12 3.55
CA SER B 112 -23.56 25.43 4.15
C SER B 112 -22.20 26.09 4.40
N VAL B 113 -21.16 25.35 4.79
CA VAL B 113 -19.80 25.93 4.89
C VAL B 113 -19.31 26.38 3.53
N PHE B 114 -19.55 25.58 2.49
CA PHE B 114 -19.28 25.95 1.11
C PHE B 114 -20.01 27.24 0.76
N PHE B 115 -21.32 27.32 0.99
CA PHE B 115 -22.10 28.54 0.76
C PHE B 115 -21.59 29.73 1.56
N ILE B 116 -21.24 29.58 2.84
CA ILE B 116 -20.72 30.67 3.67
C ILE B 116 -19.39 31.18 3.10
N VAL B 117 -18.43 30.28 2.90
CA VAL B 117 -17.09 30.65 2.41
C VAL B 117 -17.17 31.16 0.97
N CYS B 118 -18.04 30.60 0.13
CA CYS B 118 -18.26 31.03 -1.23
C CYS B 118 -18.81 32.46 -1.28
N VAL B 119 -19.89 32.74 -0.54
CA VAL B 119 -20.49 34.07 -0.54
C VAL B 119 -19.54 35.09 0.06
N LEU B 120 -18.87 34.73 1.16
CA LEU B 120 -17.93 35.64 1.78
C LEU B 120 -16.76 35.96 0.84
N THR B 121 -16.22 34.95 0.17
CA THR B 121 -15.10 35.15 -0.74
C THR B 121 -15.50 36.02 -1.93
N LEU B 122 -16.70 35.86 -2.46
CA LEU B 122 -17.24 36.74 -3.51
C LEU B 122 -17.39 38.18 -3.04
N LEU B 123 -17.83 38.40 -1.81
CA LEU B 123 -18.03 39.72 -1.23
C LEU B 123 -16.73 40.40 -0.81
N VAL B 124 -15.71 39.66 -0.36
CA VAL B 124 -14.51 40.25 0.22
C VAL B 124 -13.39 40.40 -0.80
N ALA B 125 -13.19 39.45 -1.71
CA ALA B 125 -12.06 39.47 -2.64
C ALA B 125 -12.18 40.51 -3.75
N SER B 126 -11.08 40.78 -4.45
CA SER B 126 -11.00 41.72 -5.58
C SER B 126 -11.53 41.14 -6.90
N PRO B 127 -12.10 41.97 -7.80
CA PRO B 127 -12.73 41.52 -9.05
C PRO B 127 -11.88 40.67 -9.98
N ASP B 128 -10.56 40.80 -9.94
CA ASP B 128 -9.64 40.13 -10.87
C ASP B 128 -9.47 38.63 -10.61
N SER B 129 -9.80 38.14 -9.41
CA SER B 129 -9.57 36.75 -9.01
C SER B 129 -10.68 36.17 -8.12
N ARG B 130 -11.72 36.93 -7.78
CA ARG B 130 -12.72 36.44 -6.82
C ARG B 130 -13.48 35.21 -7.26
N PHE B 131 -13.60 34.90 -8.55
CA PHE B 131 -14.20 33.63 -8.96
C PHE B 131 -13.22 32.46 -8.81
N SER B 132 -11.92 32.59 -9.08
CA SER B 132 -10.95 31.54 -8.71
C SER B 132 -10.90 31.30 -7.21
N LYS B 133 -10.90 32.35 -6.41
CA LYS B 133 -10.94 32.24 -4.95
C LYS B 133 -12.25 31.60 -4.50
N ALA B 134 -13.41 32.09 -4.95
CA ALA B 134 -14.69 31.50 -4.61
C ALA B 134 -14.89 30.08 -5.18
N GLY B 135 -14.11 29.65 -6.16
CA GLY B 135 -14.11 28.26 -6.56
C GLY B 135 -13.40 27.38 -5.54
N LEU B 136 -12.13 27.69 -5.25
CA LEU B 136 -11.28 26.78 -4.51
C LEU B 136 -11.27 27.00 -3.00
N PHE B 137 -11.52 28.20 -2.49
CA PHE B 137 -11.63 28.42 -1.04
C PHE B 137 -12.80 27.66 -0.41
N PRO B 138 -13.99 27.56 -1.01
CA PRO B 138 -15.06 26.71 -0.51
C PRO B 138 -14.80 25.22 -0.66
N ILE B 139 -14.14 24.78 -1.74
CA ILE B 139 -13.70 23.40 -1.88
C ILE B 139 -12.68 23.07 -0.78
N PHE B 140 -11.70 23.94 -0.54
CA PHE B 140 -10.76 23.81 0.56
C PHE B 140 -11.46 23.65 1.89
N ALA B 141 -12.35 24.58 2.25
CA ALA B 141 -13.03 24.59 3.54
C ALA B 141 -13.96 23.39 3.80
N THR B 142 -14.22 22.54 2.80
CA THR B 142 -15.21 21.45 2.91
C THR B 142 -14.70 20.07 2.51
N GLN B 143 -13.80 19.94 1.54
CA GLN B 143 -13.26 18.65 1.15
C GLN B 143 -12.21 18.19 2.16
N SER B 144 -12.68 17.37 3.10
CA SER B 144 -11.87 16.61 4.04
C SER B 144 -11.01 15.56 3.32
N ASN B 145 -9.88 15.19 3.91
CA ASN B 145 -9.15 13.98 3.56
C ASN B 145 -9.82 12.75 4.17
N ASP B 146 -10.95 12.36 3.60
CA ASP B 146 -11.83 11.35 4.21
C ASP B 146 -11.30 9.93 4.08
N PHE B 147 -10.61 9.60 3.00
CA PHE B 147 -10.17 8.23 2.75
C PHE B 147 -8.84 7.93 3.44
N ALA B 148 -7.84 8.81 3.32
CA ALA B 148 -6.52 8.52 3.85
C ALA B 148 -6.44 8.78 5.36
N LEU B 149 -6.85 9.96 5.82
CA LEU B 149 -6.82 10.30 7.26
C LEU B 149 -8.13 9.97 7.95
N GLY B 150 -9.27 10.30 7.35
CA GLY B 150 -10.56 10.05 7.98
C GLY B 150 -10.76 8.58 8.31
N TYR B 151 -10.65 7.69 7.32
CA TYR B 151 -11.02 6.29 7.51
C TYR B 151 -10.25 5.57 8.62
N PRO B 152 -8.91 5.57 8.67
CA PRO B 152 -8.20 4.88 9.74
C PRO B 152 -8.49 5.41 11.14
N ILE B 153 -8.76 6.71 11.25
CA ILE B 153 -9.09 7.37 12.52
C ILE B 153 -10.51 7.01 12.96
N VAL B 154 -11.48 6.99 12.05
CA VAL B 154 -12.84 6.51 12.33
C VAL B 154 -12.85 5.02 12.65
N GLU B 155 -12.03 4.25 11.98
CA GLU B 155 -11.89 2.82 12.23
C GLU B 155 -11.36 2.58 13.63
N ALA B 156 -10.31 3.29 14.03
CA ALA B 156 -9.74 3.18 15.36
C ALA B 156 -10.73 3.55 16.46
N LEU B 157 -11.50 4.61 16.26
CA LEU B 157 -12.48 5.08 17.24
C LEU B 157 -13.73 4.20 17.30
N TYR B 158 -14.23 3.71 16.17
CA TYR B 158 -15.60 3.22 16.05
C TYR B 158 -15.76 1.79 15.54
N GLN B 159 -14.74 1.15 14.98
CA GLN B 159 -14.88 -0.21 14.45
C GLN B 159 -15.44 -1.21 15.48
N THR B 160 -15.12 -1.08 16.76
CA THR B 160 -15.65 -1.97 17.79
C THR B 160 -17.01 -1.50 18.30
N THR B 161 -17.15 -0.24 18.69
CA THR B 161 -18.37 0.28 19.32
C THR B 161 -19.50 0.48 18.32
N TYR B 162 -19.22 0.98 17.12
CA TYR B 162 -20.18 1.30 16.08
C TYR B 162 -19.57 1.09 14.68
N PRO B 163 -19.37 -0.16 14.21
CA PRO B 163 -18.73 -0.40 12.91
C PRO B 163 -19.50 0.18 11.73
N GLU B 164 -20.79 0.47 11.89
CA GLU B 164 -21.57 1.08 10.83
C GLU B 164 -21.13 2.51 10.52
N TYR B 165 -20.40 3.16 11.42
CA TYR B 165 -19.98 4.53 11.23
C TYR B 165 -18.97 4.63 10.07
N LEU B 166 -18.32 3.52 9.72
CA LEU B 166 -17.32 3.51 8.66
C LEU B 166 -17.94 3.55 7.27
N GLN B 167 -19.21 3.16 7.12
CA GLN B 167 -19.92 3.33 5.84
C GLN B 167 -19.93 4.78 5.41
N TYR B 168 -20.12 5.70 6.35
CA TYR B 168 -20.42 7.07 6.04
C TYR B 168 -19.23 7.82 5.47
N ILE B 169 -17.99 7.37 5.66
CA ILE B 169 -16.85 7.98 4.97
C ILE B 169 -16.95 7.75 3.47
N TYR B 170 -17.20 6.53 3.04
CA TYR B 170 -17.35 6.22 1.63
C TYR B 170 -18.65 6.77 1.06
N LEU B 171 -19.65 7.12 1.87
CA LEU B 171 -20.83 7.84 1.38
C LEU B 171 -20.60 9.34 1.31
N VAL B 172 -20.29 9.97 2.44
CA VAL B 172 -20.22 11.43 2.56
C VAL B 172 -19.18 11.99 1.62
N ALA B 173 -17.98 11.42 1.56
CA ALA B 173 -16.89 12.00 0.81
C ALA B 173 -17.16 12.08 -0.71
N PRO B 174 -17.53 11.00 -1.41
CA PRO B 174 -17.93 11.09 -2.81
C PRO B 174 -19.13 11.96 -3.08
N ILE B 175 -20.18 11.90 -2.26
CA ILE B 175 -21.37 12.73 -2.50
C ILE B 175 -21.05 14.19 -2.27
N SER B 176 -20.17 14.51 -1.33
CA SER B 176 -19.70 15.88 -1.12
C SER B 176 -18.89 16.40 -2.30
N LEU B 177 -18.07 15.56 -2.94
CA LEU B 177 -17.45 15.89 -4.22
C LEU B 177 -18.50 16.15 -5.28
N MET B 178 -19.48 15.27 -5.49
CA MET B 178 -20.47 15.43 -6.55
C MET B 178 -21.29 16.71 -6.39
N MET B 179 -21.66 17.08 -5.17
CA MET B 179 -22.35 18.35 -4.93
C MET B 179 -21.43 19.56 -5.15
N LEU B 180 -20.30 19.58 -4.46
CA LEU B 180 -19.57 20.81 -4.19
C LEU B 180 -18.38 21.04 -5.11
N ASN B 181 -17.68 19.99 -5.54
CA ASN B 181 -16.56 20.18 -6.47
C ASN B 181 -16.99 20.70 -7.84
N PRO B 182 -18.14 20.35 -8.47
CA PRO B 182 -18.47 20.98 -9.73
C PRO B 182 -18.83 22.44 -9.57
N ILE B 183 -19.36 22.87 -8.43
CA ILE B 183 -19.67 24.29 -8.18
C ILE B 183 -18.37 25.10 -8.14
N GLY B 184 -17.33 24.59 -7.48
CA GLY B 184 -16.05 25.29 -7.48
C GLY B 184 -15.32 25.24 -8.83
N PHE B 185 -15.46 24.15 -9.58
CA PHE B 185 -14.96 24.10 -10.95
C PHE B 185 -15.72 25.05 -11.89
N ILE B 186 -17.04 25.19 -11.73
CA ILE B 186 -17.87 26.17 -12.44
C ILE B 186 -17.38 27.60 -12.17
N PHE B 187 -17.07 27.95 -10.92
CA PHE B 187 -16.48 29.26 -10.61
C PHE B 187 -15.11 29.47 -11.26
N CYS B 188 -14.25 28.46 -11.33
CA CYS B 188 -12.99 28.57 -12.07
C CYS B 188 -13.20 28.76 -13.57
N GLU B 189 -14.12 28.00 -14.18
CA GLU B 189 -14.45 28.21 -15.61
C GLU B 189 -15.09 29.59 -15.85
N ILE B 190 -15.89 30.10 -14.92
CA ILE B 190 -16.43 31.48 -14.97
C ILE B 190 -15.29 32.51 -14.90
N GLN B 191 -14.26 32.29 -14.08
CA GLN B 191 -13.09 33.17 -14.08
C GLN B 191 -12.44 33.20 -15.47
N LYS B 192 -12.10 32.04 -16.06
CA LYS B 192 -11.50 31.99 -17.39
C LYS B 192 -12.41 32.60 -18.45
N TRP B 193 -13.71 32.30 -18.44
CA TRP B 193 -14.68 32.82 -19.40
C TRP B 193 -14.82 34.33 -19.38
N LYS B 194 -14.74 34.97 -18.21
CA LYS B 194 -14.81 36.43 -18.08
C LYS B 194 -13.45 37.13 -18.17
N ASP B 195 -12.36 36.47 -17.78
CA ASP B 195 -10.99 36.94 -18.00
C ASP B 195 -10.65 37.03 -19.50
N THR B 196 -11.16 36.08 -20.30
CA THR B 196 -11.15 36.13 -21.78
C THR B 196 -12.20 37.08 -22.37
N GLN B 197 -12.73 38.02 -21.57
CA GLN B 197 -13.51 39.20 -21.97
C GLN B 197 -14.84 38.92 -22.69
N ASN B 198 -15.41 37.73 -22.56
CA ASN B 198 -16.79 37.47 -23.01
C ASN B 198 -17.80 38.21 -22.13
N ALA B 199 -18.93 38.63 -22.70
CA ALA B 199 -20.08 39.11 -21.90
C ALA B 199 -20.64 37.95 -21.05
N SER B 200 -20.88 36.79 -21.69
CA SER B 200 -20.86 35.47 -21.09
C SER B 200 -20.62 34.41 -22.17
N GLN B 201 -20.11 33.24 -21.81
CA GLN B 201 -20.09 32.07 -22.70
C GLN B 201 -21.46 31.36 -22.71
N ASN B 202 -21.58 30.26 -23.45
CA ASN B 202 -22.68 29.34 -23.27
C ASN B 202 -22.65 28.74 -21.85
N LYS B 203 -23.65 29.02 -21.04
CA LYS B 203 -23.74 28.53 -19.65
C LYS B 203 -23.74 27.00 -19.56
N ILE B 204 -24.31 26.32 -20.55
CA ILE B 204 -24.36 24.85 -20.59
C ILE B 204 -22.95 24.27 -20.75
N LYS B 205 -22.03 24.92 -21.46
CA LYS B 205 -20.65 24.45 -21.58
C LYS B 205 -19.83 24.70 -20.31
N ILE B 206 -20.07 25.81 -19.61
CA ILE B 206 -19.50 26.07 -18.27
C ILE B 206 -19.96 25.01 -17.26
N VAL B 207 -21.28 24.82 -17.12
CA VAL B 207 -21.84 23.80 -16.21
C VAL B 207 -21.43 22.40 -16.62
N GLY B 208 -21.45 22.09 -17.93
CA GLY B 208 -21.07 20.81 -18.48
C GLY B 208 -19.60 20.43 -18.30
N LEU B 209 -18.66 21.36 -18.50
CA LEU B 209 -17.24 21.09 -18.24
C LEU B 209 -16.94 20.97 -16.74
N GLY B 210 -17.60 21.75 -15.88
CA GLY B 210 -17.49 21.57 -14.44
C GLY B 210 -17.97 20.19 -13.98
N LEU B 211 -19.16 19.78 -14.40
CA LEU B 211 -19.69 18.45 -14.10
C LEU B 211 -18.84 17.33 -14.72
N LEU B 212 -18.36 17.50 -15.95
CA LEU B 212 -17.56 16.47 -16.59
C LEU B 212 -16.23 16.30 -15.87
N ARG B 213 -15.62 17.39 -15.42
CA ARG B 213 -14.39 17.35 -14.64
C ARG B 213 -14.60 16.65 -13.29
N VAL B 214 -15.72 16.88 -12.61
CA VAL B 214 -16.01 16.14 -11.39
C VAL B 214 -16.35 14.68 -11.67
N LEU B 215 -17.00 14.33 -12.78
CA LEU B 215 -17.24 12.94 -13.10
C LEU B 215 -15.95 12.21 -13.45
N GLN B 216 -14.96 12.93 -13.95
CA GLN B 216 -13.68 12.31 -14.31
C GLN B 216 -12.85 11.93 -13.09
N ASN B 217 -13.16 12.46 -11.91
CA ASN B 217 -12.43 12.15 -10.68
C ASN B 217 -12.68 10.67 -10.35
N PRO B 218 -11.65 9.84 -10.14
CA PRO B 218 -11.86 8.43 -9.79
C PRO B 218 -12.81 8.23 -8.62
N ILE B 219 -12.81 9.15 -7.66
CA ILE B 219 -13.71 9.09 -6.51
C ILE B 219 -15.16 9.01 -6.97
N VAL B 220 -15.57 9.90 -7.86
CA VAL B 220 -16.97 10.01 -8.26
C VAL B 220 -17.39 8.83 -9.14
N PHE B 221 -16.59 8.52 -10.18
CA PHE B 221 -17.07 7.50 -11.09
C PHE B 221 -16.90 6.09 -10.52
N MET B 222 -15.89 5.84 -9.68
CA MET B 222 -15.83 4.52 -9.07
C MET B 222 -16.88 4.35 -7.98
N VAL B 223 -17.38 5.42 -7.37
CA VAL B 223 -18.56 5.31 -6.52
C VAL B 223 -19.80 5.02 -7.33
N PHE B 224 -19.96 5.63 -8.50
CA PHE B 224 -21.10 5.30 -9.38
C PHE B 224 -21.04 3.84 -9.85
N ILE B 225 -19.87 3.41 -10.31
CA ILE B 225 -19.67 2.03 -10.77
C ILE B 225 -19.87 1.06 -9.61
N GLY B 226 -19.39 1.43 -8.42
CA GLY B 226 -19.55 0.54 -7.28
C GLY B 226 -20.99 0.43 -6.80
N ILE B 227 -21.74 1.52 -6.85
CA ILE B 227 -23.16 1.47 -6.49
C ILE B 227 -23.92 0.59 -7.46
N ALA B 228 -23.63 0.75 -8.76
CA ALA B 228 -24.24 -0.12 -9.76
C ALA B 228 -23.94 -1.59 -9.47
N PHE B 229 -22.67 -1.91 -9.22
CA PHE B 229 -22.31 -3.31 -8.97
C PHE B 229 -22.83 -3.82 -7.62
N ASN B 230 -23.06 -2.91 -6.67
CA ASN B 230 -23.77 -3.27 -5.45
C ASN B 230 -25.12 -3.89 -5.78
N PHE B 231 -25.85 -3.24 -6.70
CA PHE B 231 -27.15 -3.81 -7.08
C PHE B 231 -27.01 -5.02 -8.00
N ILE B 232 -26.07 -4.99 -8.94
CA ILE B 232 -25.89 -6.09 -9.89
C ILE B 232 -25.54 -7.38 -9.17
N LEU B 233 -24.67 -7.30 -8.18
CA LEU B 233 -24.13 -8.47 -7.50
C LEU B 233 -24.89 -8.85 -6.24
N ASP B 234 -25.87 -8.06 -5.82
CA ASP B 234 -26.47 -8.16 -4.49
C ASP B 234 -25.38 -8.23 -3.42
N ARG B 235 -24.44 -7.28 -3.54
CA ARG B 235 -23.45 -6.96 -2.51
C ARG B 235 -22.36 -8.00 -2.34
N LYS B 236 -22.50 -9.15 -3.02
CA LYS B 236 -21.50 -10.21 -2.93
C LYS B 236 -20.35 -9.89 -3.87
N VAL B 237 -19.22 -9.46 -3.33
CA VAL B 237 -18.04 -9.32 -4.18
C VAL B 237 -17.60 -10.70 -4.63
N PRO B 238 -17.43 -10.95 -5.92
CA PRO B 238 -17.00 -12.28 -6.35
C PRO B 238 -15.66 -12.64 -5.73
N VAL B 239 -15.51 -13.92 -5.38
CA VAL B 239 -14.31 -14.35 -4.67
C VAL B 239 -13.07 -14.03 -5.50
N TYR B 240 -13.17 -14.17 -6.82
CA TYR B 240 -12.05 -13.84 -7.70
C TYR B 240 -11.63 -12.39 -7.54
N VAL B 241 -12.60 -11.48 -7.52
CA VAL B 241 -12.32 -10.05 -7.50
C VAL B 241 -12.10 -9.52 -6.10
N GLU B 242 -12.60 -10.23 -5.07
CA GLU B 242 -12.49 -9.75 -3.70
C GLU B 242 -11.04 -9.56 -3.28
N ASN B 243 -10.19 -10.57 -3.44
CA ASN B 243 -8.80 -10.45 -3.01
C ASN B 243 -8.00 -9.47 -3.88
N PHE B 244 -8.33 -9.32 -5.16
CA PHE B 244 -7.75 -8.27 -5.99
C PHE B 244 -8.08 -6.87 -5.43
N LEU B 245 -9.34 -6.62 -5.08
CA LEU B 245 -9.74 -5.38 -4.46
C LEU B 245 -9.19 -5.21 -3.05
N ASP B 246 -9.01 -6.28 -2.28
CA ASP B 246 -8.27 -6.23 -1.01
C ASP B 246 -6.84 -5.77 -1.22
N GLY B 247 -6.08 -6.37 -2.12
CA GLY B 247 -4.68 -6.04 -2.31
C GLY B 247 -4.47 -4.59 -2.74
N LEU B 248 -5.26 -4.11 -3.70
CA LEU B 248 -5.22 -2.69 -4.06
C LEU B 248 -5.75 -1.81 -2.94
N GLY B 249 -6.92 -2.09 -2.40
CA GLY B 249 -7.57 -1.27 -1.39
C GLY B 249 -6.76 -1.16 -0.09
N ASN B 250 -6.27 -2.26 0.46
CA ASN B 250 -5.43 -2.25 1.66
C ASN B 250 -4.14 -1.47 1.45
N SER B 251 -3.65 -1.39 0.21
CA SER B 251 -2.44 -0.64 -0.09
C SER B 251 -2.64 0.87 -0.12
N PHE B 252 -3.87 1.36 -0.31
CA PHE B 252 -4.16 2.80 -0.35
C PHE B 252 -3.79 3.51 0.95
N SER B 253 -4.14 2.95 2.10
CA SER B 253 -4.04 3.65 3.38
C SER B 253 -2.63 4.17 3.64
N GLY B 254 -1.64 3.30 3.72
CA GLY B 254 -0.25 3.70 3.94
C GLY B 254 0.35 4.49 2.78
N SER B 255 0.04 4.13 1.54
CA SER B 255 0.63 4.80 0.37
C SER B 255 0.10 6.22 0.17
N ALA B 256 -1.15 6.50 0.53
CA ALA B 256 -1.77 7.81 0.39
C ALA B 256 -1.31 8.79 1.47
N LEU B 257 -1.16 8.30 2.71
CA LEU B 257 -0.55 9.06 3.80
C LEU B 257 0.90 9.41 3.47
N PHE B 258 1.66 8.45 2.93
CA PHE B 258 3.03 8.69 2.52
C PHE B 258 3.12 9.66 1.34
N TYR B 259 2.26 9.49 0.33
CA TYR B 259 2.19 10.44 -0.78
C TYR B 259 1.80 11.83 -0.31
N LEU B 260 0.83 11.94 0.60
CA LEU B 260 0.49 13.19 1.25
C LEU B 260 1.74 13.81 1.85
N GLY B 261 2.53 13.07 2.63
CA GLY B 261 3.77 13.59 3.20
C GLY B 261 4.72 14.10 2.13
N LEU B 262 4.90 13.32 1.06
CA LEU B 262 5.77 13.76 -0.03
C LEU B 262 5.28 15.06 -0.65
N THR B 263 3.99 15.19 -0.87
CA THR B 263 3.43 16.41 -1.47
C THR B 263 3.52 17.61 -0.54
N MET B 264 3.75 17.44 0.76
CA MET B 264 3.91 18.57 1.67
C MET B 264 5.27 19.26 1.55
N VAL B 265 6.27 18.62 0.95
CA VAL B 265 7.64 19.12 0.88
C VAL B 265 7.73 20.39 0.05
N GLY B 266 8.19 21.48 0.66
CA GLY B 266 8.35 22.74 -0.04
C GLY B 266 7.09 23.52 -0.29
N LYS B 267 5.96 23.15 0.33
CA LYS B 267 4.69 23.83 0.08
C LYS B 267 4.41 25.00 1.01
N ILE B 268 5.00 25.11 2.18
CA ILE B 268 4.83 26.32 3.01
C ILE B 268 5.74 27.43 2.48
N LYS B 269 5.26 28.11 1.44
CA LYS B 269 5.86 29.34 0.91
C LYS B 269 5.78 30.43 1.96
N ARG B 270 6.72 31.38 1.97
CA ARG B 270 6.58 32.64 2.69
C ARG B 270 5.38 33.39 2.12
N LEU B 271 4.40 33.66 2.96
CA LEU B 271 3.13 34.29 2.59
C LEU B 271 3.08 35.72 3.09
N LYS B 272 2.46 36.63 2.32
CA LYS B 272 2.11 37.94 2.82
C LYS B 272 1.06 37.81 3.93
N LYS B 273 0.87 38.90 4.68
CA LYS B 273 -0.09 38.87 5.78
C LYS B 273 -1.51 38.66 5.27
N SER B 274 -1.86 39.17 4.10
CA SER B 274 -3.18 38.96 3.50
C SER B 274 -3.43 37.49 3.21
N ALA B 275 -2.46 36.81 2.61
CA ALA B 275 -2.48 35.38 2.37
C ALA B 275 -2.49 34.58 3.68
N PHE B 276 -1.70 34.99 4.68
CA PHE B 276 -1.63 34.30 5.95
C PHE B 276 -2.93 34.43 6.77
N VAL B 277 -3.59 35.59 6.75
CA VAL B 277 -4.87 35.73 7.43
C VAL B 277 -5.96 34.96 6.71
N VAL B 278 -6.00 35.01 5.37
CA VAL B 278 -6.94 34.19 4.61
C VAL B 278 -6.73 32.70 4.86
N LEU B 279 -5.47 32.26 4.95
CA LEU B 279 -5.14 30.89 5.32
C LEU B 279 -5.62 30.53 6.72
N ILE B 280 -5.44 31.39 7.74
CA ILE B 280 -5.94 31.13 9.08
C ILE B 280 -7.46 31.02 9.07
N LEU B 281 -8.13 31.91 8.33
CA LEU B 281 -9.58 31.88 8.24
C LEU B 281 -10.09 30.61 7.56
N LEU B 282 -9.43 30.14 6.49
CA LEU B 282 -9.85 28.93 5.80
C LEU B 282 -9.56 27.66 6.60
N ILE B 283 -8.44 27.60 7.30
CA ILE B 283 -8.16 26.51 8.23
C ILE B 283 -9.16 26.53 9.39
N THR B 284 -9.59 27.72 9.83
CA THR B 284 -10.64 27.81 10.84
C THR B 284 -11.98 27.31 10.30
N ALA B 285 -12.36 27.70 9.08
CA ALA B 285 -13.57 27.20 8.44
C ALA B 285 -13.54 25.67 8.38
N LYS B 286 -12.42 25.09 7.93
CA LYS B 286 -12.27 23.64 7.83
C LYS B 286 -12.31 22.93 9.19
N LEU B 287 -11.49 23.35 10.14
CA LEU B 287 -11.20 22.57 11.34
C LEU B 287 -11.98 23.00 12.59
N LEU B 288 -12.75 24.08 12.55
CA LEU B 288 -13.52 24.54 13.71
C LEU B 288 -14.98 24.83 13.34
N VAL B 289 -15.24 25.62 12.32
CA VAL B 289 -16.61 25.97 11.95
C VAL B 289 -17.33 24.77 11.35
N LEU B 290 -16.70 24.04 10.43
CA LEU B 290 -17.31 22.85 9.84
C LEU B 290 -17.66 21.77 10.88
N PRO B 291 -16.78 21.35 11.80
CA PRO B 291 -17.14 20.35 12.80
C PRO B 291 -18.20 20.83 13.80
N LEU B 292 -18.23 22.13 14.14
CA LEU B 292 -19.34 22.72 14.90
C LEU B 292 -20.66 22.66 14.12
N LEU B 293 -20.66 23.02 12.82
CA LEU B 293 -21.87 22.95 12.02
C LEU B 293 -22.29 21.51 11.77
N CYS B 294 -21.36 20.57 11.61
CA CYS B 294 -21.70 19.15 11.44
C CYS B 294 -22.45 18.65 12.65
N ARG B 295 -21.91 18.89 13.86
CA ARG B 295 -22.52 18.51 15.12
C ARG B 295 -23.91 19.11 15.27
N GLU B 296 -24.06 20.40 14.97
CA GLU B 296 -25.35 21.06 15.07
C GLU B 296 -26.34 20.52 14.04
N MET B 297 -25.90 20.35 12.79
CA MET B 297 -26.80 19.87 11.75
C MET B 297 -27.27 18.46 12.06
N VAL B 298 -26.41 17.61 12.59
CA VAL B 298 -26.80 16.27 13.01
C VAL B 298 -27.84 16.35 14.11
N GLU B 299 -27.68 17.26 15.07
CA GLU B 299 -28.65 17.34 16.15
C GLU B 299 -29.97 17.97 15.70
N LEU B 300 -29.94 18.89 14.74
CA LEU B 300 -31.16 19.54 14.27
C LEU B 300 -31.90 18.71 13.24
N LEU B 301 -31.19 17.93 12.42
CA LEU B 301 -31.81 17.26 11.28
C LEU B 301 -32.00 15.76 11.46
N ASP B 302 -31.19 15.08 12.28
CA ASP B 302 -31.41 13.67 12.55
C ASP B 302 -32.01 13.51 13.95
N LYS B 303 -33.33 13.65 14.02
CA LYS B 303 -34.00 13.55 15.31
C LYS B 303 -34.55 12.15 15.60
N GLY B 304 -34.44 11.21 14.66
CA GLY B 304 -35.12 9.94 14.83
C GLY B 304 -34.33 8.81 15.45
N ASP B 305 -33.64 9.03 16.56
CA ASP B 305 -32.77 8.00 17.11
C ASP B 305 -32.71 8.09 18.63
N SER B 306 -32.18 7.03 19.23
CA SER B 306 -31.96 6.94 20.68
C SER B 306 -30.92 7.95 21.15
N VAL B 307 -30.98 8.29 22.44
CA VAL B 307 -30.10 9.32 22.98
C VAL B 307 -28.64 8.87 22.90
N VAL B 308 -28.35 7.60 23.18
CA VAL B 308 -26.96 7.11 23.13
C VAL B 308 -26.46 7.09 21.70
N ASN B 309 -27.27 6.59 20.77
CA ASN B 309 -26.93 6.65 19.35
C ASN B 309 -26.74 8.09 18.91
N HIS B 310 -27.70 8.95 19.25
CA HIS B 310 -27.67 10.33 18.79
C HIS B 310 -26.43 11.06 19.30
N THR B 311 -26.07 10.85 20.57
CA THR B 311 -24.90 11.49 21.13
C THR B 311 -23.63 11.03 20.43
N SER B 312 -23.48 9.72 20.23
CA SER B 312 -22.30 9.17 19.55
C SER B 312 -22.21 9.62 18.10
N LEU B 313 -23.36 9.79 17.45
CA LEU B 313 -23.48 10.21 16.07
C LEU B 313 -23.21 11.70 15.90
N SER B 314 -23.61 12.57 16.83
CA SER B 314 -23.19 13.98 16.83
C SER B 314 -21.71 14.15 17.24
N ASN B 315 -21.17 13.30 18.13
CA ASN B 315 -19.74 13.25 18.39
C ASN B 315 -18.95 12.81 17.14
N TYR B 316 -19.45 11.84 16.40
CA TYR B 316 -18.86 11.41 15.13
C TYR B 316 -18.90 12.54 14.09
N ALA B 317 -20.02 13.24 13.97
CA ALA B 317 -20.17 14.40 13.11
C ALA B 317 -19.12 15.48 13.39
N PHE B 318 -18.83 15.75 14.66
CA PHE B 318 -17.77 16.68 15.01
C PHE B 318 -16.42 16.16 14.51
N LEU B 319 -16.07 14.91 14.80
CA LEU B 319 -14.73 14.45 14.41
C LEU B 319 -14.61 14.18 12.90
N TYR B 320 -15.75 14.19 12.21
CA TYR B 320 -15.72 14.11 10.72
C TYR B 320 -15.26 15.48 10.20
N GLY B 321 -15.79 16.56 10.76
CA GLY B 321 -15.45 17.90 10.30
C GLY B 321 -13.99 18.28 10.52
N VAL B 322 -13.31 17.74 11.52
CA VAL B 322 -11.90 18.08 11.82
C VAL B 322 -10.88 17.36 10.94
N PHE B 323 -11.27 16.49 10.02
CA PHE B 323 -10.34 15.93 9.06
C PHE B 323 -9.70 17.05 8.23
N PRO B 324 -8.42 16.95 7.86
CA PRO B 324 -7.76 18.04 7.16
C PRO B 324 -8.25 18.20 5.73
N VAL B 325 -7.78 19.21 5.01
CA VAL B 325 -8.11 19.38 3.59
C VAL B 325 -7.61 18.20 2.76
N ALA B 326 -8.38 17.80 1.76
CA ALA B 326 -8.01 16.75 0.81
C ALA B 326 -6.81 17.17 -0.05
N PRO B 327 -5.84 16.28 -0.32
CA PRO B 327 -4.75 16.62 -1.22
C PRO B 327 -5.25 16.86 -2.66
N GLY B 328 -6.45 16.41 -3.02
CA GLY B 328 -7.07 16.68 -4.31
C GLY B 328 -7.29 18.17 -4.61
N VAL B 329 -7.45 19.02 -3.59
CA VAL B 329 -7.58 20.46 -3.78
C VAL B 329 -6.22 21.07 -4.12
N ALA B 330 -5.16 20.64 -3.46
CA ALA B 330 -3.79 21.02 -3.78
C ALA B 330 -3.36 20.52 -5.16
N ILE B 331 -3.72 19.28 -5.53
CA ILE B 331 -3.46 18.71 -6.85
C ILE B 331 -4.19 19.51 -7.93
N PHE B 332 -5.45 19.89 -7.71
CA PHE B 332 -6.17 20.79 -8.59
C PHE B 332 -5.48 22.16 -8.70
N ALA B 333 -5.19 22.82 -7.59
CA ALA B 333 -4.56 24.14 -7.57
C ALA B 333 -3.20 24.15 -8.29
N THR B 334 -2.33 23.18 -8.01
CA THR B 334 -1.02 23.08 -8.67
C THR B 334 -1.10 22.74 -10.16
N GLN B 335 -2.18 22.10 -10.64
CA GLN B 335 -2.38 21.83 -12.06
C GLN B 335 -3.07 22.98 -12.80
N PHE B 336 -4.12 23.58 -12.22
CA PHE B 336 -4.81 24.75 -12.78
C PHE B 336 -3.97 26.04 -12.67
N ASN B 337 -3.00 26.07 -11.77
CA ASN B 337 -2.33 27.28 -11.29
C ASN B 337 -3.32 28.34 -10.78
N MET B 338 -4.29 27.92 -9.97
CA MET B 338 -5.18 28.81 -9.24
C MET B 338 -4.88 28.77 -7.74
N GLU B 339 -4.57 29.91 -7.11
CA GLU B 339 -4.41 30.07 -5.66
C GLU B 339 -3.44 29.07 -5.00
N VAL B 340 -2.38 28.69 -5.71
CA VAL B 340 -1.43 27.66 -5.27
C VAL B 340 -0.83 27.95 -3.91
N GLU B 341 -0.44 29.18 -3.63
CA GLU B 341 0.23 29.50 -2.37
C GLU B 341 -0.65 29.21 -1.17
N ILE B 342 -1.87 29.74 -1.16
CA ILE B 342 -2.78 29.64 -0.02
C ILE B 342 -3.32 28.22 0.10
N ILE B 343 -3.70 27.59 -1.00
CA ILE B 343 -4.28 26.25 -0.94
C ILE B 343 -3.25 25.20 -0.58
N THR B 344 -2.07 25.23 -1.19
CA THR B 344 -1.11 24.15 -0.96
C THR B 344 -0.45 24.33 0.42
N SER B 345 -0.15 25.55 0.84
CA SER B 345 0.30 25.83 2.21
C SER B 345 -0.79 25.51 3.23
N GLY B 346 -2.03 25.90 2.94
CA GLY B 346 -3.16 25.68 3.82
C GLY B 346 -3.50 24.22 3.99
N MET B 347 -3.35 23.41 2.95
CA MET B 347 -3.55 21.96 2.99
C MET B 347 -2.52 21.28 3.89
N VAL B 348 -1.26 21.70 3.84
CA VAL B 348 -0.19 21.20 4.70
C VAL B 348 -0.40 21.59 6.15
N ILE B 349 -0.69 22.86 6.41
CA ILE B 349 -0.94 23.35 7.77
C ILE B 349 -2.24 22.73 8.32
N SER B 350 -3.27 22.59 7.49
CA SER B 350 -4.52 21.92 7.86
C SER B 350 -4.29 20.47 8.26
N THR B 351 -3.45 19.76 7.52
CA THR B 351 -3.00 18.41 7.87
C THR B 351 -2.39 18.39 9.25
N ALA B 352 -1.35 19.18 9.50
CA ALA B 352 -0.64 19.17 10.77
C ALA B 352 -1.55 19.58 11.94
N VAL B 353 -2.32 20.65 11.79
CA VAL B 353 -3.22 21.19 12.80
C VAL B 353 -4.37 20.23 13.10
N SER B 354 -4.83 19.44 12.14
CA SER B 354 -5.93 18.50 12.36
C SER B 354 -5.57 17.39 13.34
N ALA B 355 -4.31 16.98 13.48
CA ALA B 355 -3.92 15.91 14.40
C ALA B 355 -4.16 16.28 15.86
N PRO B 356 -3.63 17.38 16.39
CA PRO B 356 -3.98 17.75 17.76
C PRO B 356 -5.44 18.09 17.94
N ILE B 357 -6.09 18.67 16.93
CA ILE B 357 -7.51 19.00 17.01
C ILE B 357 -8.36 17.74 17.05
N MET B 358 -8.09 16.72 16.24
CA MET B 358 -8.74 15.42 16.32
C MET B 358 -8.55 14.79 17.70
N TYR B 359 -7.33 14.85 18.23
CA TYR B 359 -7.06 14.24 19.53
C TYR B 359 -7.83 14.97 20.64
N VAL B 360 -7.65 16.28 20.72
CA VAL B 360 -8.30 17.08 21.76
C VAL B 360 -9.81 16.95 21.67
N SER B 361 -10.35 17.04 20.46
CA SER B 361 -11.79 16.97 20.26
C SER B 361 -12.34 15.60 20.63
N ALA B 362 -11.75 14.52 20.13
CA ALA B 362 -12.25 13.19 20.44
C ALA B 362 -12.23 12.92 21.95
N TRP B 363 -11.21 13.39 22.67
CA TRP B 363 -11.17 13.20 24.11
C TRP B 363 -12.20 14.07 24.83
N LEU B 364 -12.37 15.32 24.38
CA LEU B 364 -13.39 16.18 24.98
C LEU B 364 -14.77 15.56 24.85
N LEU B 365 -15.06 14.97 23.70
CA LEU B 365 -16.35 14.37 23.42
C LEU B 365 -16.53 13.06 24.20
N THR B 366 -15.45 12.32 24.43
CA THR B 366 -15.47 11.07 25.22
C THR B 366 -15.54 11.30 26.72
N PHE B 367 -15.03 12.41 27.22
CA PHE B 367 -15.02 12.70 28.66
C PHE B 367 -16.41 12.59 29.31
N PRO B 368 -17.50 13.08 28.72
CA PRO B 368 -18.82 12.87 29.35
C PRO B 368 -19.22 11.41 29.60
N THR B 369 -18.58 10.41 28.99
CA THR B 369 -18.91 8.99 29.23
C THR B 369 -18.18 8.39 30.42
N MET B 370 -17.15 9.04 30.95
CA MET B 370 -16.24 8.44 31.92
C MET B 370 -16.52 8.95 33.33
N ASP B 371 -16.56 8.03 34.30
CA ASP B 371 -16.63 8.39 35.70
C ASP B 371 -15.36 9.11 36.12
N PRO B 372 -15.43 9.98 37.14
CA PRO B 372 -14.27 10.83 37.46
C PRO B 372 -12.99 10.06 37.77
N LYS B 373 -13.06 8.88 38.38
CA LYS B 373 -11.82 8.19 38.72
C LYS B 373 -11.15 7.53 37.50
N PRO B 374 -11.86 6.69 36.72
CA PRO B 374 -11.24 6.19 35.48
C PRO B 374 -10.93 7.31 34.50
N LEU B 375 -11.68 8.42 34.57
CA LEU B 375 -11.36 9.59 33.75
C LEU B 375 -10.00 10.16 34.12
N ALA B 376 -9.73 10.29 35.42
CA ALA B 376 -8.43 10.81 35.84
C ALA B 376 -7.30 9.92 35.36
N TYR B 377 -7.47 8.61 35.51
CA TYR B 377 -6.41 7.71 35.04
C TYR B 377 -6.26 7.77 33.52
N ALA B 378 -7.37 7.92 32.80
CA ALA B 378 -7.30 8.03 31.34
C ALA B 378 -6.58 9.30 30.92
N ILE B 379 -6.76 10.38 31.66
CA ILE B 379 -6.07 11.64 31.34
C ILE B 379 -4.58 11.52 31.62
N GLN B 380 -4.21 10.86 32.72
CA GLN B 380 -2.79 10.63 32.97
C GLN B 380 -2.19 9.65 31.97
N ASN B 381 -2.96 8.66 31.50
CA ASN B 381 -2.48 7.76 30.46
C ASN B 381 -2.27 8.52 29.16
N VAL B 382 -3.16 9.46 28.85
CA VAL B 382 -2.97 10.37 27.72
C VAL B 382 -1.66 11.13 27.87
N SER B 383 -1.43 11.66 29.07
CA SER B 383 -0.23 12.45 29.30
C SER B 383 1.03 11.60 29.16
N PHE B 384 0.97 10.35 29.65
CA PHE B 384 2.08 9.42 29.47
C PHE B 384 2.31 9.11 27.99
N ASP B 385 1.24 8.89 27.22
CA ASP B 385 1.37 8.63 25.80
C ASP B 385 2.05 9.80 25.09
N ILE B 386 1.52 11.00 25.27
CA ILE B 386 2.02 12.20 24.62
C ILE B 386 3.47 12.43 25.05
N SER B 387 3.79 12.30 26.33
CA SER B 387 5.16 12.48 26.80
C SER B 387 6.14 11.39 26.34
N ILE B 388 5.74 10.13 26.16
CA ILE B 388 6.60 9.11 25.56
C ILE B 388 7.01 9.55 24.15
N VAL B 389 6.05 9.85 23.28
CA VAL B 389 6.36 10.16 21.88
C VAL B 389 7.04 11.52 21.74
N SER B 390 6.60 12.49 22.52
CA SER B 390 7.21 13.80 22.63
C SER B 390 8.66 13.71 23.11
N LEU B 391 8.97 12.88 24.10
CA LEU B 391 10.34 12.67 24.56
C LEU B 391 11.20 12.07 23.46
N ILE B 392 10.70 11.07 22.72
CA ILE B 392 11.47 10.50 21.61
C ILE B 392 11.76 11.58 20.56
N SER B 393 10.77 12.39 20.20
CA SER B 393 10.94 13.47 19.21
C SER B 393 11.88 14.58 19.70
N LEU B 394 11.88 14.86 21.01
CA LEU B 394 12.79 15.80 21.63
C LEU B 394 14.21 15.27 21.75
N ILE B 395 14.42 13.99 22.05
CA ILE B 395 15.74 13.38 22.04
C ILE B 395 16.34 13.48 20.63
N TRP B 396 15.56 13.21 19.58
CA TRP B 396 15.99 13.45 18.21
C TRP B 396 16.33 14.92 17.97
N SER B 397 15.47 15.84 18.39
CA SER B 397 15.68 17.27 18.16
C SER B 397 16.89 17.83 18.93
N LEU B 398 17.04 17.46 20.20
CA LEU B 398 18.22 17.78 21.00
C LEU B 398 19.47 17.20 20.38
N ALA B 399 19.47 15.92 19.99
CA ALA B 399 20.66 15.35 19.37
C ALA B 399 21.01 16.10 18.10
N ILE B 400 20.00 16.48 17.32
CA ILE B 400 20.24 17.24 16.08
C ILE B 400 20.85 18.60 16.41
N LEU B 401 20.34 19.33 17.40
CA LEU B 401 20.90 20.63 17.78
C LEU B 401 22.32 20.52 18.37
N LEU B 402 22.58 19.49 19.18
CA LEU B 402 23.89 19.25 19.74
C LEU B 402 24.90 18.82 18.66
N LEU B 403 24.56 17.89 17.76
CA LEU B 403 25.50 17.38 16.76
C LEU B 403 25.77 18.39 15.66
N SER B 404 24.77 19.21 15.31
CA SER B 404 25.01 20.26 14.34
C SER B 404 25.96 21.33 14.88
N LYS B 405 26.25 21.29 16.18
CA LYS B 405 27.05 22.25 16.92
C LYS B 405 26.49 23.67 16.85
N LYS B 406 25.26 23.86 16.36
CA LYS B 406 24.60 25.16 16.40
C LYS B 406 24.26 25.58 17.81
N TYR B 407 24.11 24.65 18.74
CA TYR B 407 23.79 24.91 20.14
C TYR B 407 24.72 25.90 20.87
N LYS B 408 25.91 26.19 20.32
CA LYS B 408 26.83 27.19 20.88
C LYS B 408 26.53 28.63 20.48
N GLN B 409 25.73 28.88 19.44
CA GLN B 409 25.34 30.25 19.05
C GLN B 409 24.20 30.79 19.92
N LEU B 410 23.93 32.08 19.88
CA LEU B 410 22.63 32.64 20.25
C LEU B 410 21.82 32.92 18.97
N PRO B 411 20.53 32.59 18.89
CA PRO B 411 19.66 32.11 19.96
C PRO B 411 19.72 30.60 20.23
N HIS B 412 20.52 29.82 19.50
CA HIS B 412 20.45 28.35 19.56
C HIS B 412 20.75 27.71 20.92
N MET B 413 21.60 28.31 21.74
CA MET B 413 21.85 27.84 23.10
C MET B 413 20.58 27.89 23.96
N LEU B 414 19.80 28.94 23.76
CA LEU B 414 18.61 29.23 24.49
C LEU B 414 17.43 28.40 23.97
N THR B 415 17.37 28.08 22.67
CA THR B 415 16.40 27.09 22.19
C THR B 415 16.80 25.69 22.67
N THR B 416 18.09 25.38 22.79
CA THR B 416 18.55 24.08 23.31
C THR B 416 18.18 23.91 24.79
N ASN B 417 18.27 24.96 25.59
CA ASN B 417 17.78 24.94 26.96
C ASN B 417 16.27 24.77 27.06
N LEU B 418 15.50 25.42 26.20
CA LEU B 418 14.07 25.16 26.09
C LEU B 418 13.77 23.70 25.75
N LEU B 419 14.49 23.11 24.81
CA LEU B 419 14.31 21.70 24.49
C LEU B 419 14.70 20.77 25.65
N ILE B 420 15.73 21.07 26.44
CA ILE B 420 16.10 20.30 27.62
C ILE B 420 14.99 20.36 28.67
N ALA B 421 14.42 21.54 28.92
CA ALA B 421 13.30 21.71 29.84
C ALA B 421 12.09 20.88 29.41
N GLN B 422 11.75 20.90 28.12
CA GLN B 422 10.67 20.07 27.60
C GLN B 422 10.98 18.58 27.68
N SER B 423 12.24 18.17 27.56
CA SER B 423 12.63 16.77 27.70
C SER B 423 12.54 16.28 29.13
N ILE B 424 12.87 17.12 30.11
CA ILE B 424 12.71 16.82 31.53
C ILE B 424 11.22 16.80 31.91
N VAL B 425 10.41 17.68 31.34
CA VAL B 425 8.94 17.62 31.46
C VAL B 425 8.38 16.31 30.95
N CYS B 426 8.80 15.85 29.79
CA CYS B 426 8.32 14.58 29.25
C CYS B 426 8.83 13.37 30.05
N ALA B 427 10.11 13.30 30.40
CA ALA B 427 10.61 12.25 31.28
C ALA B 427 9.93 12.29 32.66
N GLY B 428 9.69 13.49 33.19
CA GLY B 428 9.00 13.72 34.45
C GLY B 428 7.58 13.19 34.44
N MET B 429 6.83 13.38 33.35
CA MET B 429 5.50 12.78 33.23
C MET B 429 5.56 11.26 33.12
N MET B 430 6.53 10.69 32.42
CA MET B 430 6.72 9.23 32.40
C MET B 430 7.02 8.68 33.79
N ILE B 431 7.94 9.30 34.53
CA ILE B 431 8.30 8.90 35.90
C ILE B 431 7.11 9.12 36.84
N TRP B 432 6.37 10.22 36.67
CA TRP B 432 5.16 10.51 37.43
C TRP B 432 4.09 9.46 37.23
N ASN B 433 3.83 8.99 36.02
CA ASN B 433 2.80 7.98 35.79
C ASN B 433 3.15 6.67 36.49
N PHE B 434 4.43 6.40 36.69
CA PHE B 434 4.77 5.23 37.51
C PHE B 434 4.73 5.52 39.01
N VAL B 435 4.92 6.78 39.41
CA VAL B 435 5.04 7.15 40.82
C VAL B 435 3.73 7.72 41.39
N LYS B 436 2.71 7.92 40.55
CA LYS B 436 1.63 8.87 40.81
C LYS B 436 0.93 8.67 42.16
N GLU B 437 0.76 7.42 42.59
CA GLU B 437 0.14 7.16 43.89
C GLU B 437 1.00 6.22 44.72
N LYS B 438 2.29 6.14 44.42
CA LYS B 438 3.15 5.12 45.03
C LYS B 438 3.66 5.55 46.41
N ASN B 439 4.48 6.60 46.46
CA ASN B 439 5.07 7.00 47.74
C ASN B 439 5.38 8.50 47.76
N PHE B 440 5.32 9.06 48.97
CA PHE B 440 5.44 10.50 49.20
C PHE B 440 6.79 11.05 48.77
N VAL B 441 7.86 10.32 49.05
CA VAL B 441 9.22 10.81 48.77
C VAL B 441 9.44 10.93 47.27
N GLY B 442 9.15 9.86 46.54
CA GLY B 442 9.24 9.92 45.09
C GLY B 442 8.31 10.96 44.51
N GLN B 443 7.07 11.03 44.99
CA GLN B 443 6.11 12.03 44.50
C GLN B 443 6.69 13.44 44.66
N ILE B 444 7.19 13.83 45.83
CA ILE B 444 7.70 15.19 46.05
C ILE B 444 8.90 15.49 45.14
N LEU B 445 9.85 14.59 44.99
CA LEU B 445 10.99 14.81 44.09
C LEU B 445 10.55 14.87 42.62
N VAL B 446 9.71 13.95 42.16
CA VAL B 446 9.29 13.88 40.76
C VAL B 446 8.38 15.05 40.41
N PHE B 447 7.54 15.50 41.35
CA PHE B 447 6.82 16.74 41.22
C PHE B 447 7.78 17.94 41.12
N VAL B 448 8.79 18.05 41.96
CA VAL B 448 9.80 19.12 41.85
C VAL B 448 10.47 19.12 40.50
N LEU B 449 10.95 17.97 40.01
CA LEU B 449 11.55 17.83 38.69
C LEU B 449 10.56 18.23 37.57
N LEU B 450 9.38 17.63 37.55
CA LEU B 450 8.35 17.84 36.54
C LEU B 450 7.88 19.29 36.51
N TYR B 451 7.45 19.81 37.66
CA TYR B 451 6.87 21.17 37.64
C TYR B 451 7.93 22.27 37.53
N SER B 452 9.14 22.06 38.05
CA SER B 452 10.19 23.09 37.83
C SER B 452 10.59 23.10 36.37
N SER B 453 10.81 21.94 35.76
CA SER B 453 11.10 21.90 34.33
C SER B 453 9.90 22.39 33.50
N LEU B 454 8.67 22.18 33.94
CA LEU B 454 7.50 22.73 33.26
C LEU B 454 7.46 24.24 33.31
N TYR B 455 7.57 24.84 34.50
CA TYR B 455 7.63 26.33 34.62
C TYR B 455 8.81 26.84 33.78
N SER B 456 9.93 26.10 33.79
CA SER B 456 11.09 26.42 32.98
C SER B 456 10.79 26.45 31.48
N THR B 457 9.95 25.57 30.94
CA THR B 457 9.54 25.68 29.52
C THR B 457 8.78 26.97 29.24
N TYR B 458 7.99 27.41 30.22
CA TYR B 458 7.27 28.71 30.07
C TYR B 458 8.31 29.83 30.06
N LEU B 459 9.07 29.97 31.16
CA LEU B 459 10.10 30.99 31.26
C LEU B 459 11.12 30.95 30.12
N TRP B 460 11.46 29.79 29.57
CA TRP B 460 12.31 29.71 28.38
C TRP B 460 11.65 30.20 27.10
N THR B 461 10.34 30.11 26.97
CA THR B 461 9.63 30.75 25.86
C THR B 461 9.76 32.27 25.95
N GLY B 462 9.65 32.82 27.17
CA GLY B 462 9.91 34.23 27.43
C GLY B 462 11.36 34.62 27.17
N LEU B 463 12.32 33.93 27.79
CA LEU B 463 13.75 34.24 27.67
C LEU B 463 14.28 34.07 26.23
N LEU B 464 13.80 33.07 25.49
CA LEU B 464 14.13 32.94 24.07
C LEU B 464 13.60 34.13 23.27
N ALA B 465 12.35 34.54 23.45
CA ALA B 465 11.79 35.71 22.78
C ALA B 465 12.51 37.02 23.14
N ILE B 466 12.89 37.19 24.40
CA ILE B 466 13.86 38.21 24.85
C ILE B 466 15.16 38.13 24.06
N SER B 467 15.81 36.99 23.95
CA SER B 467 17.10 36.91 23.26
C SER B 467 16.98 37.23 21.78
N LEU B 468 15.87 36.89 21.12
CA LEU B 468 15.58 37.33 19.76
C LEU B 468 15.45 38.85 19.69
N PHE B 469 14.76 39.47 20.65
CA PHE B 469 14.68 40.93 20.70
C PHE B 469 16.06 41.57 20.90
N LEU B 470 16.89 40.96 21.76
CA LEU B 470 18.21 41.54 22.03
C LEU B 470 19.20 41.26 20.91
N LEU B 471 19.09 40.15 20.17
CA LEU B 471 19.90 39.89 18.97
C LEU B 471 19.53 40.79 17.80
N LYS B 472 18.23 40.93 17.49
CA LYS B 472 17.83 41.72 16.31
C LYS B 472 18.05 43.20 16.54
N LYS B 473 17.72 43.70 17.72
CA LYS B 473 17.76 45.14 17.99
C LYS B 473 19.03 45.58 18.72
N ARG B 474 19.37 44.94 19.84
CA ARG B 474 20.53 45.35 20.62
C ARG B 474 21.78 44.56 20.20
N GLU B 475 22.17 44.74 18.93
CA GLU B 475 23.32 44.00 18.40
C GLU B 475 24.59 44.36 19.16
N ARG B 476 24.80 45.64 19.45
CA ARG B 476 25.98 46.08 20.18
C ARG B 476 26.01 45.53 21.60
N VAL B 477 24.86 45.52 22.29
CA VAL B 477 24.80 45.08 23.68
C VAL B 477 25.02 43.56 23.75
N GLN B 478 25.85 43.12 24.69
CA GLN B 478 26.06 41.69 24.92
C GLN B 478 24.84 41.09 25.63
N ILE B 479 24.50 39.85 25.31
CA ILE B 479 23.41 39.14 25.98
C ILE B 479 24.02 38.40 27.16
N PRO B 480 23.51 38.55 28.38
CA PRO B 480 24.09 37.83 29.53
C PRO B 480 23.66 36.37 29.57
N VAL B 481 24.40 35.51 28.90
CA VAL B 481 24.10 34.08 28.79
C VAL B 481 24.04 33.43 30.17
N GLY B 482 24.94 33.79 31.09
CA GLY B 482 24.88 33.25 32.43
C GLY B 482 23.63 33.65 33.18
N ILE B 483 23.26 34.92 33.14
CA ILE B 483 22.08 35.37 33.86
C ILE B 483 20.82 34.78 33.22
N ILE B 484 20.75 34.66 31.90
CA ILE B 484 19.62 34.06 31.19
C ILE B 484 19.50 32.56 31.53
N ILE B 485 20.59 31.80 31.58
CA ILE B 485 20.52 30.37 31.95
C ILE B 485 20.21 30.22 33.44
N ILE B 486 20.73 31.10 34.31
CA ILE B 486 20.36 31.12 35.71
C ILE B 486 18.88 31.40 35.88
N SER B 487 18.34 32.42 35.20
CA SER B 487 16.92 32.76 35.35
C SER B 487 16.03 31.68 34.76
N GLY B 488 16.37 31.11 33.61
CA GLY B 488 15.55 30.10 32.96
C GLY B 488 15.43 28.79 33.71
N TRP B 489 16.35 28.48 34.63
CA TRP B 489 16.32 27.27 35.46
C TRP B 489 16.16 27.53 36.96
N GLY B 490 16.72 28.62 37.50
CA GLY B 490 16.58 28.96 38.89
C GLY B 490 15.24 29.57 39.25
N ILE B 491 14.69 30.48 38.43
CA ILE B 491 13.37 31.09 38.72
C ILE B 491 12.26 30.04 38.75
N PRO B 492 12.20 29.06 37.83
CA PRO B 492 11.30 27.93 37.95
C PRO B 492 11.48 27.10 39.22
N ALA B 493 12.73 26.82 39.61
CA ALA B 493 13.02 26.10 40.84
C ALA B 493 12.71 26.95 42.09
N LEU B 494 12.88 28.28 42.02
CA LEU B 494 12.41 29.17 43.08
C LEU B 494 10.88 29.09 43.21
N LEU B 495 10.15 29.15 42.11
CA LEU B 495 8.68 29.05 42.09
C LEU B 495 8.19 27.72 42.66
N VAL B 496 8.83 26.60 42.28
CA VAL B 496 8.53 25.27 42.84
C VAL B 496 8.86 25.16 44.32
N GLY B 497 9.97 25.72 44.77
CA GLY B 497 10.29 25.78 46.19
C GLY B 497 9.25 26.59 46.96
N VAL B 498 8.90 27.78 46.46
CA VAL B 498 7.85 28.64 47.04
C VAL B 498 6.54 27.88 47.17
N LEU B 499 6.16 27.10 46.17
CA LEU B 499 4.94 26.32 46.18
C LEU B 499 4.98 25.14 47.17
N LEU B 500 6.09 24.43 47.28
CA LEU B 500 6.25 23.41 48.33
C LEU B 500 6.23 24.00 49.73
N ILE B 501 6.64 25.27 49.90
CA ILE B 501 6.64 25.91 51.20
C ILE B 501 5.25 26.42 51.57
N THR B 502 4.61 27.15 50.67
CA THR B 502 3.40 27.92 50.95
C THR B 502 2.12 27.14 50.79
N GLY B 503 2.13 26.06 49.99
CA GLY B 503 0.95 25.25 49.77
C GLY B 503 0.81 24.07 50.71
N LYS B 504 -0.17 23.20 50.43
CA LYS B 504 -0.37 21.92 51.10
C LYS B 504 -0.41 20.75 50.13
N HIS B 505 0.14 19.61 50.53
CA HIS B 505 0.15 18.38 49.74
C HIS B 505 -1.27 17.89 49.46
N ASN B 506 -1.74 18.04 48.22
CA ASN B 506 -3.06 17.58 47.82
C ASN B 506 -3.02 16.10 47.44
N GLY B 507 -2.52 15.25 48.36
CA GLY B 507 -2.25 13.84 48.10
C GLY B 507 -3.47 13.01 47.78
N ASP B 508 -4.67 13.56 47.96
CA ASP B 508 -5.88 12.88 47.50
C ASP B 508 -6.03 12.93 45.99
N SER B 509 -5.18 13.67 45.25
CA SER B 509 -5.29 13.89 43.81
C SER B 509 -4.24 13.11 43.03
N ILE B 510 -4.66 12.49 41.92
CA ILE B 510 -3.77 11.75 41.03
C ILE B 510 -2.99 12.68 40.11
N ASP B 511 -3.60 13.79 39.71
CA ASP B 511 -3.09 14.61 38.62
C ASP B 511 -1.91 15.47 39.09
N SER B 512 -0.79 15.44 38.37
CA SER B 512 0.31 16.34 38.66
C SER B 512 -0.15 17.80 38.62
N ALA B 513 -1.06 18.15 37.70
CA ALA B 513 -1.63 19.50 37.57
C ALA B 513 -2.58 19.91 38.71
N PHE B 514 -2.61 19.15 39.80
CA PHE B 514 -3.40 19.46 40.99
C PHE B 514 -2.78 18.93 42.29
N PHE B 515 -1.59 18.33 42.23
CA PHE B 515 -0.88 17.75 43.38
C PHE B 515 -0.60 18.74 44.54
N TYR B 516 -0.54 20.04 44.26
CA TYR B 516 -0.49 21.10 45.27
C TYR B 516 -1.62 22.13 45.06
N GLY B 517 -2.82 21.62 44.77
CA GLY B 517 -4.07 22.36 44.92
C GLY B 517 -4.24 23.60 44.05
N LYS B 518 -5.04 24.54 44.54
CA LYS B 518 -5.30 25.83 43.89
C LYS B 518 -4.03 26.66 43.77
N GLU B 519 -3.18 26.67 44.78
CA GLU B 519 -1.92 27.42 44.75
C GLU B 519 -0.93 26.91 43.68
N GLN B 520 -1.00 25.63 43.27
CA GLN B 520 -0.28 25.19 42.08
C GLN B 520 -0.87 25.77 40.80
N MET B 521 -2.18 25.77 40.60
CA MET B 521 -2.76 26.43 39.41
C MET B 521 -2.54 27.96 39.46
N ILE B 522 -2.53 28.60 40.63
CA ILE B 522 -2.14 30.02 40.76
C ILE B 522 -0.69 30.20 40.35
N THR B 523 0.23 29.37 40.81
CA THR B 523 1.66 29.48 40.47
C THR B 523 1.88 29.25 38.98
N THR B 524 1.23 28.22 38.42
CA THR B 524 1.25 27.89 36.99
C THR B 524 0.73 29.07 36.17
N ALA B 525 -0.43 29.62 36.52
CA ALA B 525 -1.04 30.74 35.83
C ALA B 525 -0.20 32.02 35.93
N VAL B 526 0.38 32.33 37.09
CA VAL B 526 1.29 33.48 37.28
C VAL B 526 2.57 33.30 36.47
N THR B 527 3.12 32.09 36.39
CA THR B 527 4.28 31.78 35.56
C THR B 527 3.96 31.94 34.08
N LEU B 528 2.81 31.45 33.64
CA LEU B 528 2.30 31.67 32.29
C LEU B 528 2.11 33.16 31.99
N PHE B 529 1.50 33.92 32.88
CA PHE B 529 1.31 35.36 32.64
C PHE B 529 2.63 36.11 32.54
N CYS B 530 3.61 35.81 33.39
CA CYS B 530 4.98 36.34 33.29
C CYS B 530 5.65 35.97 31.97
N SER B 531 5.60 34.70 31.59
CA SER B 531 6.16 34.24 30.32
C SER B 531 5.51 34.89 29.10
N ILE B 532 4.18 34.98 29.07
CA ILE B 532 3.43 35.56 27.94
C ILE B 532 3.63 37.07 27.89
N LEU B 533 3.70 37.77 29.03
CA LEU B 533 4.13 39.18 29.08
C LEU B 533 5.48 39.33 28.41
N ILE B 534 6.50 38.62 28.92
CA ILE B 534 7.88 38.73 28.46
C ILE B 534 7.96 38.47 26.95
N ALA B 535 7.28 37.42 26.47
CA ALA B 535 7.33 37.00 25.09
C ALA B 535 6.51 37.91 24.15
N GLY B 536 5.37 38.41 24.59
CA GLY B 536 4.61 39.38 23.81
C GLY B 536 5.32 40.72 23.72
N ILE B 537 5.87 41.22 24.82
CA ILE B 537 6.67 42.45 24.87
C ILE B 537 7.84 42.33 23.90
N SER B 538 8.60 41.25 23.99
CA SER B 538 9.82 41.09 23.22
C SER B 538 9.56 40.82 21.74
N LEU B 539 8.60 39.97 21.35
CA LEU B 539 8.31 39.80 19.92
C LEU B 539 7.69 41.07 19.30
N MET B 540 6.92 41.84 20.07
CA MET B 540 6.45 43.14 19.60
C MET B 540 7.61 44.09 19.37
N CYS B 541 8.47 44.28 20.38
CA CYS B 541 9.59 45.19 20.24
C CYS B 541 10.58 44.71 19.20
N MET B 542 10.67 43.41 18.93
CA MET B 542 11.49 42.87 17.87
C MET B 542 10.93 43.24 16.49
N ASN B 543 9.61 43.16 16.29
CA ASN B 543 9.03 43.62 15.03
C ASN B 543 9.22 45.13 14.85
N GLN B 544 9.14 45.88 15.95
CA GLN B 544 9.56 47.27 15.95
C GLN B 544 11.08 47.34 15.82
N GLN B 654 17.50 29.50 11.39
CA GLN B 654 17.93 30.60 12.22
C GLN B 654 16.74 31.46 12.67
N LEU B 655 16.74 32.77 12.44
CA LEU B 655 15.94 33.70 13.23
C LEU B 655 14.44 33.49 13.01
N THR B 656 14.00 33.23 11.78
CA THR B 656 12.59 32.99 11.45
C THR B 656 12.04 31.70 12.07
N ARG B 657 12.85 30.64 12.17
CA ARG B 657 12.46 29.41 12.88
C ARG B 657 12.29 29.63 14.37
N HIS B 658 13.20 30.36 14.99
CA HIS B 658 13.10 30.69 16.42
C HIS B 658 11.95 31.63 16.73
N VAL B 659 11.71 32.66 15.91
CA VAL B 659 10.55 33.55 16.03
C VAL B 659 9.26 32.75 15.93
N LEU B 660 9.18 31.85 14.94
CA LEU B 660 8.02 30.99 14.77
C LEU B 660 7.81 30.07 15.96
N LEU B 661 8.88 29.47 16.48
CA LEU B 661 8.81 28.64 17.68
C LEU B 661 8.27 29.45 18.85
N CYS B 662 8.78 30.65 19.08
CA CYS B 662 8.25 31.51 20.12
C CYS B 662 6.78 31.82 19.90
N LEU B 663 6.34 32.19 18.69
CA LEU B 663 4.92 32.42 18.42
C LEU B 663 4.06 31.19 18.69
N LEU B 664 4.42 30.02 18.16
CA LEU B 664 3.64 28.79 18.37
C LEU B 664 3.58 28.40 19.85
N LEU B 665 4.69 28.51 20.58
CA LEU B 665 4.69 28.29 22.01
C LEU B 665 3.89 29.36 22.75
N ILE B 666 3.99 30.65 22.42
CA ILE B 666 3.15 31.73 23.00
C ILE B 666 1.66 31.44 22.81
N ILE B 667 1.24 30.99 21.63
CA ILE B 667 -0.15 30.59 21.34
C ILE B 667 -0.60 29.50 22.31
N GLY B 668 0.25 28.50 22.52
CA GLY B 668 -0.02 27.40 23.44
C GLY B 668 0.01 27.83 24.90
N LEU B 669 0.95 28.68 25.30
CA LEU B 669 0.97 29.27 26.64
C LEU B 669 -0.27 30.12 26.88
N PHE B 670 -0.78 30.84 25.89
CA PHE B 670 -2.06 31.54 26.02
C PHE B 670 -3.25 30.58 26.16
N ALA B 671 -3.27 29.45 25.44
CA ALA B 671 -4.25 28.39 25.66
C ALA B 671 -4.17 27.79 27.07
N ASN B 672 -2.97 27.59 27.59
CA ASN B 672 -2.76 27.13 28.96
C ASN B 672 -3.13 28.19 29.99
N LEU B 673 -2.78 29.46 29.77
CA LEU B 673 -3.12 30.55 30.66
C LEU B 673 -4.63 30.68 30.74
N SER B 674 -5.31 30.75 29.61
CA SER B 674 -6.76 30.88 29.58
C SER B 674 -7.43 29.67 30.23
N SER B 675 -6.98 28.44 29.93
CA SER B 675 -7.47 27.24 30.59
C SER B 675 -7.23 27.24 32.11
N CYS B 676 -6.05 27.65 32.58
CA CYS B 676 -5.73 27.75 34.01
C CYS B 676 -6.49 28.88 34.71
N LEU B 677 -6.65 30.05 34.10
CA LEU B 677 -7.45 31.15 34.68
C LEU B 677 -8.90 30.71 34.79
N ARG B 678 -9.42 30.04 33.77
CA ARG B 678 -10.78 29.53 33.72
C ARG B 678 -11.00 28.44 34.77
N TRP B 679 -10.02 27.57 35.00
CA TRP B 679 -10.03 26.61 36.11
C TRP B 679 -10.04 27.31 37.47
N LEU B 680 -9.22 28.35 37.65
CA LEU B 680 -9.18 29.14 38.87
C LEU B 680 -10.46 29.93 39.13
N PHE B 681 -11.18 30.38 38.10
CA PHE B 681 -12.38 31.18 38.29
C PHE B 681 -13.64 30.34 38.49
N ASN B 682 -13.62 29.06 38.15
CA ASN B 682 -14.82 28.24 38.25
C ASN B 682 -14.98 27.74 39.68
N GLN B 683 -15.93 28.33 40.40
CA GLN B 683 -16.22 27.96 41.79
C GLN B 683 -17.19 26.78 41.87
N GLU B 684 -18.11 26.64 40.91
CA GLU B 684 -19.05 25.53 40.90
C GLU B 684 -18.35 24.25 40.48
N PRO B 685 -18.58 23.13 41.16
CA PRO B 685 -17.91 21.87 40.78
C PRO B 685 -18.32 21.40 39.39
N GLY B 686 -17.47 20.56 38.81
CA GLY B 686 -17.79 19.95 37.54
C GLY B 686 -16.65 19.13 36.99
N ARG B 687 -16.98 18.40 35.91
CA ARG B 687 -15.98 17.75 35.08
C ARG B 687 -15.12 18.76 34.33
N LEU B 688 -15.56 20.02 34.27
CA LEU B 688 -14.81 21.06 33.57
C LEU B 688 -13.39 21.18 34.10
N TYR B 689 -13.18 20.93 35.40
CA TYR B 689 -11.83 20.95 35.95
C TYR B 689 -10.92 19.99 35.20
N VAL B 690 -11.31 18.71 35.11
CA VAL B 690 -10.42 17.74 34.49
C VAL B 690 -10.35 17.91 32.98
N GLU B 691 -11.35 18.51 32.33
CA GLU B 691 -11.21 18.94 30.93
C GLU B 691 -10.13 20.00 30.78
N LEU B 692 -10.11 21.01 31.65
CA LEU B 692 -9.14 22.10 31.55
C LEU B 692 -7.74 21.64 31.94
N GLN B 693 -7.62 20.74 32.90
CA GLN B 693 -6.37 20.05 33.19
C GLN B 693 -5.89 19.22 32.01
N PHE B 694 -6.78 18.56 31.25
CA PHE B 694 -6.41 17.88 30.02
C PHE B 694 -5.92 18.86 28.96
N PHE B 695 -6.57 20.01 28.77
CA PHE B 695 -6.10 21.03 27.82
C PHE B 695 -4.71 21.55 28.19
N CYS B 696 -4.46 21.80 29.47
CA CYS B 696 -3.14 22.22 29.95
C CYS B 696 -2.10 21.14 29.68
N ALA B 697 -2.39 19.90 30.11
CA ALA B 697 -1.52 18.75 29.96
C ALA B 697 -1.14 18.45 28.50
N VAL B 698 -2.05 18.65 27.55
CA VAL B 698 -1.75 18.42 26.15
C VAL B 698 -0.64 19.35 25.69
N PHE B 699 -0.67 20.64 26.05
CA PHE B 699 0.45 21.51 25.71
C PHE B 699 1.68 21.26 26.59
N ASN B 700 1.53 21.08 27.90
CA ASN B 700 2.65 20.79 28.80
C ASN B 700 3.53 19.66 28.26
N PHE B 701 2.92 18.54 27.88
CA PHE B 701 3.63 17.34 27.46
C PHE B 701 3.79 17.21 25.95
N GLY B 702 2.92 17.87 25.18
CA GLY B 702 2.95 17.87 23.72
C GLY B 702 3.76 18.99 23.08
N GLN B 703 4.17 20.04 23.79
CA GLN B 703 5.00 21.11 23.23
C GLN B 703 6.34 20.61 22.66
N GLY B 704 6.83 19.45 23.07
CA GLY B 704 7.99 18.82 22.43
C GLY B 704 7.83 18.57 20.94
N PHE B 705 6.60 18.42 20.47
CA PHE B 705 6.29 18.29 19.05
C PHE B 705 6.40 19.61 18.27
N ILE B 706 6.22 20.78 18.90
CA ILE B 706 6.50 22.07 18.26
C ILE B 706 8.00 22.20 18.01
N SER B 707 8.82 21.86 19.00
CA SER B 707 10.28 21.84 18.88
C SER B 707 10.81 20.79 17.92
N PHE B 708 10.20 19.61 17.87
CA PHE B 708 10.48 18.65 16.81
C PHE B 708 10.09 19.17 15.43
N GLY B 709 8.91 19.78 15.29
CA GLY B 709 8.46 20.30 14.02
C GLY B 709 9.33 21.41 13.47
N ILE B 710 9.84 22.28 14.34
CA ILE B 710 10.75 23.35 13.91
C ILE B 710 12.20 22.88 13.84
N PHE B 711 12.78 22.29 14.89
CA PHE B 711 14.20 21.99 14.94
C PHE B 711 14.57 20.53 14.70
N GLY B 712 13.69 19.57 14.95
CA GLY B 712 13.94 18.17 14.60
C GLY B 712 13.90 17.94 13.09
N LEU B 713 13.08 18.70 12.37
CA LEU B 713 12.90 18.66 10.91
C LEU B 713 13.49 19.88 10.17
N ASP B 714 14.36 20.65 10.80
CA ASP B 714 15.08 21.73 10.12
C ASP B 714 16.02 21.16 9.06
N LYS B 715 15.72 21.41 7.78
CA LYS B 715 16.55 20.95 6.67
C LYS B 715 17.98 21.53 6.68
N HIS B 716 18.22 22.63 7.40
CA HIS B 716 19.56 23.15 7.61
C HIS B 716 20.44 22.23 8.50
N LEU B 717 19.85 21.31 9.28
CA LEU B 717 20.61 20.33 10.04
C LEU B 717 20.27 18.90 9.63
CAA Y01 C . -3.87 -19.99 -16.06
CBA Y01 C . -3.85 -20.51 -14.61
CAB Y01 C . -3.16 -21.88 -14.57
CAN Y01 C . -3.16 -19.56 -13.61
CAJ Y01 C . -3.47 -18.05 -13.77
CAO Y01 C . -2.43 -17.34 -14.67
CBB Y01 C . -2.39 -15.80 -14.57
CAC Y01 C . -1.85 -15.36 -13.21
CBE Y01 C . -1.61 -15.24 -15.81
CAP Y01 C . -2.50 -15.36 -17.08
CAQ Y01 C . -2.19 -14.17 -18.00
CBG Y01 C . -0.90 -13.62 -17.40
CBI Y01 C . -1.05 -13.77 -15.88
CAE Y01 C . -2.06 -12.74 -15.29
CAU Y01 C . 0.38 -13.57 -15.29
CAS Y01 C . 1.06 -12.25 -15.77
CBF Y01 C . 1.02 -12.03 -17.33
CBD Y01 C . -0.41 -12.24 -17.87
CAK Y01 C . -0.47 -12.15 -19.42
CAI Y01 C . 0.45 -11.12 -19.98
CAZ Y01 C . 1.37 -10.43 -19.29
CAV Y01 C . 2.21 -9.41 -20.02
CBH Y01 C . 1.69 -10.67 -17.81
CAD Y01 C . 1.20 -9.46 -16.96
CAT Y01 C . 3.23 -10.81 -17.64
CAR Y01 C . 4.04 -9.72 -18.37
CBC Y01 C . 3.68 -9.75 -19.86
OAW Y01 C . 4.45 -8.78 -20.57
CAY Y01 C . 5.76 -9.08 -20.80
OAG Y01 C . 6.26 -10.13 -20.52
CAM Y01 C . 6.40 -8.05 -21.71
CAL Y01 C . 7.33 -7.11 -20.94
CAX Y01 C . 7.70 -5.88 -21.77
OAH Y01 C . 6.83 -5.04 -21.93
OAF Y01 C . 8.85 -5.78 -22.16
CAA Y01 D . -2.49 -22.11 -20.51
CBA Y01 D . -2.21 -21.16 -19.33
CAB Y01 D . -1.50 -21.97 -18.23
CAN Y01 D . -1.38 -19.96 -19.81
CAJ Y01 D . -0.93 -18.95 -18.73
CAO Y01 D . -0.03 -17.81 -19.27
CBB Y01 D . 1.48 -18.17 -19.24
CAC Y01 D . 1.84 -19.39 -20.14
CBE Y01 D . 2.44 -16.94 -19.35
CAP Y01 D . 3.90 -17.34 -18.96
CAQ Y01 D . 4.84 -16.72 -20.01
CBG Y01 D . 4.02 -15.56 -20.52
CBI Y01 D . 2.58 -16.10 -20.67
CAE Y01 D . 2.37 -16.95 -21.94
CAU Y01 D . 1.68 -14.85 -20.76
CAS Y01 D . 2.10 -13.92 -21.93
CBF Y01 D . 3.64 -13.61 -22.07
CBD Y01 D . 4.57 -14.82 -21.74
CAK Y01 D . 6.02 -14.30 -21.51
CAI Y01 D . 6.42 -13.22 -22.50
CAZ Y01 D . 5.58 -12.60 -23.35
CAV Y01 D . 6.11 -11.60 -24.38
CBH Y01 D . 4.09 -12.93 -23.41
CAD Y01 D . 3.91 -13.88 -24.62
CAT Y01 D . 3.25 -11.64 -23.59
CAR Y01 D . 3.73 -10.71 -24.70
CBC Y01 D . 5.22 -10.35 -24.53
OAW Y01 D . 5.59 -9.68 -25.76
CAY Y01 D . 6.69 -8.89 -25.82
OAG Y01 D . 7.43 -8.67 -24.88
CAM Y01 D . 6.92 -8.36 -27.23
CAL Y01 D . 7.22 -6.83 -27.27
CAX Y01 D . 6.12 -5.93 -26.72
OAH Y01 D . 4.98 -6.35 -26.64
OAF Y01 D . 6.42 -4.78 -26.47
CAA Y01 E . 0.25 15.10 20.62
CBA Y01 E . -1.25 14.94 20.28
CAB Y01 E . -2.01 16.24 20.65
CAN Y01 E . -1.56 14.52 18.83
CAJ Y01 E . -0.56 15.02 17.74
CAO Y01 E . 0.64 14.07 17.55
CBB Y01 E . 1.15 13.96 16.08
CAC Y01 E . 0.10 13.22 15.22
CBE Y01 E . 1.66 15.34 15.49
CAP Y01 E . 2.77 15.92 16.41
CAQ Y01 E . 3.93 16.40 15.53
CBG Y01 E . 3.31 16.52 14.17
CBI Y01 E . 2.31 15.36 14.05
CAE Y01 E . 3.04 14.00 13.73
CAU Y01 E . 1.38 15.78 12.86
CAS Y01 E . 2.18 16.09 11.54
CBF Y01 E . 3.40 17.08 11.72
CBD Y01 E . 4.26 16.68 12.97
CAK Y01 E . 5.33 17.74 13.28
CAI Y01 E . 5.97 18.28 12.04
CAZ Y01 E . 5.56 18.09 10.79
CAV Y01 E . 6.32 18.76 9.65
CBH Y01 E . 4.28 17.31 10.43
CAD Y01 E . 4.67 15.96 9.76
CAT Y01 E . 3.45 18.17 9.42
CAR Y01 E . 4.28 18.75 8.26
CBC Y01 E . 5.39 19.64 8.83
OAW Y01 E . 6.14 20.25 7.77
CAY Y01 E . 5.56 21.29 7.10
OAG Y01 E . 4.51 21.79 7.44
CAM Y01 E . 6.53 21.95 6.13
CAL Y01 E . 6.20 21.68 4.66
CAX Y01 E . 7.28 22.23 3.73
OAH Y01 E . 7.02 23.22 3.06
OAF Y01 E . 8.29 21.56 3.60
CAA Y01 F . 0.87 21.35 20.51
CBA Y01 F . 0.90 19.84 20.25
CAB Y01 F . -0.14 19.14 21.14
CAN Y01 F . 0.71 19.50 18.74
CAJ Y01 F . 2.02 19.67 17.95
CAO Y01 F . 1.93 19.90 16.43
CBB Y01 F . 1.12 21.16 15.98
CAC Y01 F . 1.14 22.34 16.98
CBE Y01 F . 1.38 21.52 14.48
CAP Y01 F . 0.28 22.47 13.94
CAQ Y01 F . 0.97 23.55 13.09
CBG Y01 F . 2.30 22.89 12.72
CBI Y01 F . 2.76 22.14 14.00
CAE Y01 F . 3.40 23.08 15.05
CAU Y01 F . 3.85 21.15 13.51
CAS Y01 F . 5.02 21.86 12.77
CBF Y01 F . 4.61 22.93 11.68
CBD Y01 F . 3.36 23.78 12.07
CAK Y01 F . 2.81 24.49 10.82
CAI Y01 F . 3.91 25.19 10.06
CAZ Y01 F . 5.21 24.95 10.22
CAV Y01 F . 6.23 25.74 9.42
CBH Y01 F . 5.77 23.87 11.17
CAD Y01 F . 6.47 24.57 12.36
CAT Y01 F . 6.82 23.01 10.39
CAR Y01 F . 7.88 23.84 9.63
CBC Y01 F . 7.18 24.82 8.67
OAW Y01 F . 8.13 25.65 7.96
CAY Y01 F . 8.82 25.14 6.91
OAG Y01 F . 8.75 23.97 6.56
CAM Y01 F . 9.37 26.24 6.00
CAL Y01 F . 10.91 26.33 6.02
CAX Y01 F . 11.59 24.99 5.72
OAH Y01 F . 11.91 24.28 6.66
OAF Y01 F . 11.92 24.76 4.57
#